data_5M8U
#
_entry.id   5M8U
#
_cell.length_a   73.547
_cell.length_b   73.547
_cell.length_c   184.517
_cell.angle_alpha   90.00
_cell.angle_beta   90.00
_cell.angle_gamma   90.00
#
_symmetry.space_group_name_H-M   'P 41'
#
loop_
_entity.id
_entity.type
_entity.pdbx_description
1 polymer 'Tetrachloroethene reductive dehalogenase catalytically active subunit'
2 non-polymer 'IRON/SULFUR CLUSTER'
3 non-polymer NORPSEUDO-B12
4 non-polymer BENZAMIDINE
5 non-polymer GLYCEROL
6 non-polymer 4-BROMOPHENOL
7 water water
#
_entity_poly.entity_id   1
_entity_poly.type   'polypeptide(L)'
_entity_poly.pdbx_seq_one_letter_code
;AEKEKNAAEIRQQFAMTAGSPIIVNDKLERYAEVRTAFTHPTSFFKPNYKGEVKPWFLSAYDEKVRQIENGENGPKMKAK
NVGEARAGRALEAAGWTLDINYGNIYPNRFFMLWSGETMTNTQLWAPVGLDRRPPDTTDPVELTNYVKFAARMAGADLVG
VARLNRNWVYSEAVTIPADVPYEQSLHKEIEKPIVFKDVPLPIETDDELIIPNTCENVIVAGIAMNREMMQTAPNSMACA
TTAFCYSRMCMFDMWLCQFIRYMGYYAIPSCNGVGQSVAFAVEAGLGQASRMGACITPEFGPNVRLTKVFTNMPLVPDKP
IDFGVTEFCETCKKCARECPSKAITEGPRTFEGRSIHNQSGKLQWQNDYNKCLGYWPESGGYCGVCVAVCPFTKGNIWIH
DGVEWLIDNTRFLDPLMLGMDDALGYGAKRNITEVWDGKINTYGLDADHFRDTVSFRKDRVKKS
;
_entity_poly.pdbx_strand_id   A,B
#
# COMPACT_ATOMS: atom_id res chain seq x y z
N ALA A 1 -30.01 22.65 12.45
CA ALA A 1 -28.93 21.91 13.10
C ALA A 1 -27.77 21.68 12.15
N LYS A 3 -25.73 19.77 9.57
CA LYS A 3 -25.61 18.77 8.51
C LYS A 3 -24.16 18.31 8.29
N GLU A 4 -23.98 16.99 8.20
CA GLU A 4 -22.66 16.37 8.20
C GLU A 4 -22.16 16.16 6.78
N LYS A 5 -20.84 16.27 6.62
CA LYS A 5 -20.22 16.47 5.31
C LYS A 5 -20.44 15.29 4.37
N ASN A 6 -20.67 15.59 3.09
CA ASN A 6 -21.15 14.59 2.13
C ASN A 6 -20.50 14.83 0.76
N ALA A 7 -19.44 14.06 0.46
CA ALA A 7 -18.69 14.31 -0.76
C ALA A 7 -19.48 13.88 -1.99
N ALA A 8 -20.35 12.88 -1.86
CA ALA A 8 -21.15 12.48 -3.01
C ALA A 8 -22.10 13.60 -3.42
N GLU A 9 -22.78 14.22 -2.45
CA GLU A 9 -23.64 15.37 -2.74
C GLU A 9 -22.84 16.52 -3.32
N ILE A 10 -21.67 16.82 -2.74
CA ILE A 10 -20.85 17.93 -3.23
C ILE A 10 -20.46 17.71 -4.68
N ARG A 11 -19.99 16.50 -5.01
CA ARG A 11 -19.57 16.23 -6.38
C ARG A 11 -20.74 16.30 -7.35
N GLN A 12 -21.92 15.84 -6.93
CA GLN A 12 -23.08 15.91 -7.81
C GLN A 12 -23.51 17.35 -8.02
N GLN A 13 -23.43 18.17 -6.97
CA GLN A 13 -23.84 19.58 -7.06
C GLN A 13 -22.98 20.35 -8.06
N PHE A 14 -21.68 20.06 -8.11
CA PHE A 14 -20.75 20.84 -8.90
C PHE A 14 -20.33 20.16 -10.21
N ALA A 15 -20.97 19.04 -10.56
CA ALA A 15 -20.64 18.35 -11.80
C ALA A 15 -20.97 19.22 -13.01
N MET A 16 -20.08 19.18 -14.00
N MET A 16 -20.10 19.17 -14.02
CA MET A 16 -20.22 19.89 -15.27
CA MET A 16 -20.30 19.91 -15.25
C MET A 16 -20.81 18.96 -16.33
C MET A 16 -20.66 18.95 -16.38
N THR A 17 -21.08 19.52 -17.50
CA THR A 17 -21.37 18.71 -18.67
C THR A 17 -20.06 18.23 -19.28
N ALA A 18 -20.16 17.17 -20.08
CA ALA A 18 -18.98 16.51 -20.63
C ALA A 18 -18.15 17.46 -21.47
N GLY A 19 -16.85 17.17 -21.56
CA GLY A 19 -15.91 17.97 -22.32
C GLY A 19 -14.67 18.33 -21.50
N SER A 20 -13.49 18.20 -22.10
CA SER A 20 -12.26 18.56 -21.40
C SER A 20 -12.33 20.01 -20.94
N PRO A 21 -12.17 20.31 -19.65
CA PRO A 21 -12.24 21.71 -19.21
C PRO A 21 -11.00 22.50 -19.56
N ILE A 22 -9.91 21.86 -19.96
CA ILE A 22 -8.66 22.58 -20.19
C ILE A 22 -8.75 23.34 -21.51
N ILE A 23 -8.44 24.63 -21.45
CA ILE A 23 -8.54 25.51 -22.61
C ILE A 23 -7.19 25.59 -23.31
N VAL A 24 -7.18 25.37 -24.62
CA VAL A 24 -5.94 25.22 -25.36
C VAL A 24 -6.01 26.07 -26.61
N ASN A 25 -4.83 26.36 -27.19
CA ASN A 25 -4.79 27.04 -28.47
C ASN A 25 -3.93 26.24 -29.44
N ASP A 26 -3.58 26.85 -30.56
CA ASP A 26 -2.86 26.13 -31.61
C ASP A 26 -1.38 25.97 -31.32
N LYS A 27 -0.82 26.68 -30.33
CA LYS A 27 0.58 26.51 -29.97
C LYS A 27 0.84 25.22 -29.20
N LEU A 28 -0.20 24.48 -28.85
CA LEU A 28 -0.04 23.32 -27.98
C LEU A 28 0.63 22.17 -28.72
N GLU A 29 1.73 21.67 -28.14
N GLU A 29 1.71 21.64 -28.14
CA GLU A 29 2.37 20.45 -28.61
CA GLU A 29 2.32 20.42 -28.63
C GLU A 29 2.63 19.55 -27.41
C GLU A 29 2.67 19.56 -27.44
N ARG A 30 2.74 18.25 -27.68
CA ARG A 30 3.08 17.32 -26.62
C ARG A 30 4.47 17.65 -26.06
N TYR A 31 4.65 17.34 -24.78
CA TYR A 31 5.74 17.85 -23.96
C TYR A 31 6.74 16.74 -23.70
N ALA A 32 8.02 16.99 -23.98
CA ALA A 32 9.04 16.00 -23.71
C ALA A 32 9.37 15.99 -22.22
N GLU A 33 9.26 14.80 -21.60
CA GLU A 33 9.41 14.69 -20.15
C GLU A 33 10.76 15.21 -19.66
N VAL A 34 11.79 15.16 -20.50
CA VAL A 34 13.11 15.62 -20.08
C VAL A 34 13.08 17.08 -19.64
N ARG A 35 12.07 17.84 -20.10
CA ARG A 35 11.96 19.27 -19.80
C ARG A 35 11.56 19.55 -18.35
N THR A 36 11.09 18.56 -17.58
CA THR A 36 10.73 18.84 -16.20
C THR A 36 11.95 19.29 -15.42
N ALA A 37 11.74 20.07 -14.35
CA ALA A 37 12.87 20.62 -13.63
C ALA A 37 13.74 19.52 -13.02
N PHE A 38 13.14 18.39 -12.64
CA PHE A 38 13.90 17.29 -12.05
C PHE A 38 14.95 16.75 -12.99
N THR A 39 14.75 16.89 -14.30
CA THR A 39 15.53 16.18 -15.29
C THR A 39 16.28 17.09 -16.25
N HIS A 40 15.79 18.30 -16.49
CA HIS A 40 16.40 19.11 -17.55
C HIS A 40 17.78 19.60 -17.12
N PRO A 41 18.76 19.64 -18.04
CA PRO A 41 20.11 20.08 -17.65
C PRO A 41 20.15 21.48 -17.06
N THR A 42 19.25 22.38 -17.48
CA THR A 42 19.27 23.75 -16.98
C THR A 42 18.86 23.85 -15.51
N SER A 43 18.13 22.87 -14.99
CA SER A 43 17.64 22.91 -13.63
C SER A 43 18.20 21.80 -12.76
N PHE A 44 18.74 20.75 -13.38
CA PHE A 44 19.11 19.52 -12.68
C PHE A 44 20.17 19.79 -11.63
N PHE A 45 21.10 20.70 -11.91
CA PHE A 45 22.20 20.98 -10.99
C PHE A 45 21.86 22.14 -10.07
N LYS A 46 22.15 21.97 -8.79
CA LYS A 46 21.96 23.00 -7.78
C LYS A 46 23.13 22.97 -6.82
N PRO A 47 23.48 24.13 -6.25
CA PRO A 47 24.53 24.15 -5.24
C PRO A 47 24.04 23.58 -3.91
N ASN A 48 24.97 23.03 -3.15
CA ASN A 48 24.69 22.62 -1.78
C ASN A 48 25.04 23.78 -0.85
N TYR A 49 24.99 23.55 0.46
CA TYR A 49 25.22 24.66 1.38
C TYR A 49 26.68 25.09 1.45
N LYS A 50 27.58 24.32 0.86
CA LYS A 50 28.99 24.68 0.74
C LYS A 50 29.32 25.29 -0.61
N GLY A 51 28.31 25.55 -1.43
CA GLY A 51 28.52 26.10 -2.75
C GLY A 51 28.89 25.09 -3.84
N GLU A 52 28.95 23.81 -3.52
CA GLU A 52 29.30 22.81 -4.53
C GLU A 52 28.09 22.47 -5.41
N VAL A 53 28.30 22.46 -6.72
CA VAL A 53 27.23 22.26 -7.70
C VAL A 53 27.08 20.78 -7.97
N LYS A 54 25.88 20.25 -7.71
CA LYS A 54 25.64 18.81 -7.73
C LYS A 54 24.28 18.52 -8.36
N PRO A 55 23.99 17.28 -8.73
CA PRO A 55 22.59 16.91 -8.97
C PRO A 55 21.76 17.33 -7.76
N TRP A 56 20.62 17.95 -8.03
CA TRP A 56 19.83 18.59 -6.97
C TRP A 56 19.59 17.66 -5.78
N PHE A 57 19.24 16.39 -6.02
CA PHE A 57 18.91 15.54 -4.87
C PHE A 57 20.14 15.23 -4.03
N LEU A 58 21.33 15.23 -4.63
CA LEU A 58 22.54 15.07 -3.83
C LEU A 58 22.82 16.30 -2.98
N SER A 59 22.60 17.50 -3.53
CA SER A 59 22.73 18.71 -2.70
C SER A 59 21.72 18.68 -1.55
N ALA A 60 20.51 18.16 -1.82
CA ALA A 60 19.51 18.07 -0.76
C ALA A 60 19.93 17.08 0.31
N TYR A 61 20.47 15.94 -0.11
CA TYR A 61 21.10 15.00 0.83
C TYR A 61 22.08 15.69 1.78
N ASP A 62 22.97 16.53 1.24
CA ASP A 62 23.96 17.18 2.10
C ASP A 62 23.27 18.02 3.18
N GLU A 63 22.15 18.66 2.84
CA GLU A 63 21.41 19.45 3.82
C GLU A 63 20.69 18.57 4.85
N LYS A 64 20.14 17.42 4.42
CA LYS A 64 19.55 16.50 5.39
C LYS A 64 20.57 16.07 6.42
N VAL A 65 21.76 15.67 5.96
CA VAL A 65 22.83 15.26 6.86
C VAL A 65 23.21 16.40 7.78
N ARG A 66 23.34 17.62 7.23
CA ARG A 66 23.68 18.78 8.06
C ARG A 66 22.64 19.01 9.15
N GLN A 67 21.34 18.87 8.81
CA GLN A 67 20.29 19.15 9.79
C GLN A 67 20.28 18.12 10.92
N ILE A 68 20.45 16.84 10.58
CA ILE A 68 20.50 15.80 11.61
C ILE A 68 21.64 16.08 12.57
N GLU A 69 22.82 16.40 12.03
CA GLU A 69 23.97 16.68 12.88
C GLU A 69 23.72 17.89 13.77
N ASN A 70 22.95 18.86 13.30
CA ASN A 70 22.66 20.05 14.08
C ASN A 70 21.31 19.97 14.81
N GLY A 71 20.70 18.80 14.85
CA GLY A 71 19.45 18.64 15.57
C GLY A 71 18.31 19.48 15.04
N GLU A 72 18.16 19.55 13.71
CA GLU A 72 17.12 20.33 13.06
C GLU A 72 16.19 19.43 12.25
N ASN A 73 14.91 19.80 12.20
CA ASN A 73 13.89 19.10 11.44
C ASN A 73 13.64 19.74 10.07
N GLY A 74 14.32 20.82 9.77
CA GLY A 74 14.12 21.59 8.57
C GLY A 74 15.02 22.80 8.66
N PRO A 75 14.96 23.67 7.66
CA PRO A 75 15.87 24.84 7.63
C PRO A 75 15.59 25.78 8.80
N LYS A 76 16.61 25.94 9.65
CA LYS A 76 16.52 26.81 10.84
C LYS A 76 15.32 26.46 11.71
N MET A 77 15.02 25.18 11.79
CA MET A 77 13.90 24.68 12.60
C MET A 77 14.48 23.62 13.54
N LYS A 78 14.68 24.01 14.80
CA LYS A 78 15.35 23.14 15.73
C LYS A 78 14.43 21.98 16.14
N ALA A 79 14.96 20.76 16.05
CA ALA A 79 14.23 19.60 16.57
C ALA A 79 14.32 19.56 18.09
N LYS A 80 13.53 18.66 18.69
CA LYS A 80 13.64 18.43 20.13
C LYS A 80 15.05 17.99 20.52
N ASN A 81 15.69 17.18 19.67
CA ASN A 81 17.05 16.69 19.88
C ASN A 81 17.48 16.03 18.57
N VAL A 82 18.71 15.53 18.54
CA VAL A 82 19.23 14.89 17.33
C VAL A 82 18.43 13.64 17.00
N GLY A 83 18.02 12.88 18.02
CA GLY A 83 17.28 11.65 17.77
C GLY A 83 15.96 11.89 17.08
N GLU A 84 15.29 12.99 17.43
CA GLU A 84 14.07 13.35 16.72
C GLU A 84 14.38 13.75 15.27
N ALA A 85 15.44 14.56 15.06
CA ALA A 85 15.82 14.89 13.69
C ALA A 85 16.08 13.63 12.88
N ARG A 86 16.83 12.70 13.46
N ARG A 86 16.80 12.67 13.47
CA ARG A 86 17.13 11.43 12.81
CA ARG A 86 17.12 11.46 12.72
C ARG A 86 15.85 10.67 12.47
C ARG A 86 15.88 10.59 12.48
N ALA A 87 14.91 10.61 13.41
CA ALA A 87 13.71 9.80 13.21
C ALA A 87 12.88 10.31 12.02
N GLY A 88 12.83 11.64 11.83
CA GLY A 88 12.04 12.16 10.72
C GLY A 88 12.65 11.82 9.37
N ARG A 89 13.97 11.87 9.26
CA ARG A 89 14.59 11.51 8.00
C ARG A 89 14.57 10.00 7.75
N ALA A 90 14.63 9.20 8.82
CA ALA A 90 14.46 7.76 8.66
C ALA A 90 13.06 7.42 8.17
N LEU A 91 12.05 8.09 8.71
CA LEU A 91 10.69 7.89 8.22
C LEU A 91 10.58 8.29 6.76
N GLU A 92 11.06 9.50 6.42
CA GLU A 92 11.06 9.93 5.03
C GLU A 92 11.73 8.91 4.12
N ALA A 93 12.97 8.51 4.44
CA ALA A 93 13.69 7.58 3.58
C ALA A 93 12.94 6.27 3.39
N ALA A 94 12.38 5.72 4.48
CA ALA A 94 11.68 4.45 4.39
C ALA A 94 10.41 4.54 3.56
N GLY A 95 9.75 5.71 3.54
CA GLY A 95 8.51 5.84 2.77
C GLY A 95 8.71 5.52 1.30
N TRP A 96 9.90 5.80 0.76
CA TRP A 96 10.22 5.61 -0.64
C TRP A 96 10.49 4.15 -1.01
N THR A 97 10.27 3.20 -0.11
CA THR A 97 10.78 1.84 -0.33
C THR A 97 10.32 1.24 -1.66
N LEU A 98 9.08 1.48 -2.07
CA LEU A 98 8.57 0.89 -3.31
C LEU A 98 8.56 1.87 -4.47
N ASP A 99 9.55 2.76 -4.56
CA ASP A 99 9.59 3.77 -5.61
C ASP A 99 11.02 3.83 -6.13
N ILE A 100 11.17 3.91 -7.45
CA ILE A 100 12.49 3.94 -8.10
C ILE A 100 12.85 5.39 -8.41
N ASN A 101 14.00 5.85 -7.89
CA ASN A 101 14.61 7.11 -8.30
C ASN A 101 13.63 8.28 -8.29
N TYR A 102 12.80 8.33 -7.24
CA TYR A 102 11.94 9.48 -6.98
C TYR A 102 10.91 9.68 -8.08
N GLY A 103 10.04 8.69 -8.26
CA GLY A 103 8.85 8.91 -9.06
C GLY A 103 8.41 7.75 -9.93
N ASN A 104 9.24 6.71 -10.06
CA ASN A 104 8.91 5.57 -10.94
C ASN A 104 8.66 6.02 -12.38
N ILE A 105 9.43 7.00 -12.88
CA ILE A 105 9.08 7.56 -14.19
C ILE A 105 9.47 6.66 -15.36
N TYR A 106 10.50 5.82 -15.24
CA TYR A 106 10.93 5.03 -16.40
C TYR A 106 9.81 4.08 -16.84
N PRO A 107 9.24 4.22 -18.04
CA PRO A 107 8.18 3.30 -18.45
C PRO A 107 8.73 1.90 -18.75
N ASN A 108 7.95 0.89 -18.39
CA ASN A 108 8.26 -0.51 -18.67
C ASN A 108 9.61 -0.92 -18.06
N ARG A 109 9.93 -0.38 -16.88
CA ARG A 109 11.11 -0.78 -16.11
C ARG A 109 10.69 -1.02 -14.67
N PHE A 110 11.35 -1.98 -14.02
CA PHE A 110 11.16 -2.22 -12.58
C PHE A 110 9.69 -2.48 -12.23
N PHE A 111 9.05 -1.58 -11.48
CA PHE A 111 7.65 -1.78 -11.11
C PHE A 111 6.67 -1.41 -12.21
N MET A 112 7.11 -0.64 -13.20
CA MET A 112 6.21 -0.03 -14.18
C MET A 112 6.10 -0.85 -15.46
N LEU A 113 6.01 -2.17 -15.33
CA LEU A 113 6.00 -3.03 -16.53
C LEU A 113 4.70 -2.86 -17.31
N TRP A 114 4.85 -2.76 -18.64
CA TRP A 114 3.70 -2.56 -19.52
C TRP A 114 2.99 -3.87 -19.85
N SER A 115 3.61 -5.01 -19.57
CA SER A 115 2.95 -6.31 -19.63
C SER A 115 3.11 -7.00 -18.28
N GLY A 116 2.10 -7.78 -17.91
CA GLY A 116 2.26 -8.55 -16.68
C GLY A 116 2.97 -9.88 -16.86
N GLU A 117 3.36 -10.23 -18.08
CA GLU A 117 3.80 -11.61 -18.38
C GLU A 117 4.91 -12.09 -17.45
N THR A 118 5.88 -11.23 -17.15
CA THR A 118 7.05 -11.68 -16.38
C THR A 118 6.88 -11.55 -14.87
N MET A 119 5.83 -10.91 -14.38
CA MET A 119 5.70 -10.68 -12.95
C MET A 119 5.53 -12.02 -12.21
N THR A 120 6.08 -12.10 -11.01
CA THR A 120 5.95 -13.34 -10.24
C THR A 120 4.49 -13.69 -9.98
N ASN A 121 3.62 -12.69 -9.79
CA ASN A 121 2.21 -12.97 -9.55
C ASN A 121 1.56 -13.58 -10.78
N THR A 122 1.85 -13.03 -11.97
CA THR A 122 1.28 -13.58 -13.19
C THR A 122 1.72 -15.02 -13.40
N GLN A 123 3.02 -15.29 -13.20
CA GLN A 123 3.55 -16.64 -13.34
C GLN A 123 2.84 -17.61 -12.41
N LEU A 124 2.69 -17.23 -11.13
CA LEU A 124 2.03 -18.11 -10.18
C LEU A 124 0.60 -18.43 -10.62
N TRP A 125 -0.10 -17.46 -11.20
CA TRP A 125 -1.50 -17.65 -11.57
C TRP A 125 -1.70 -18.16 -12.99
N ALA A 126 -0.63 -18.32 -13.77
CA ALA A 126 -0.74 -18.69 -15.18
C ALA A 126 -1.68 -19.86 -15.46
N PRO A 127 -1.75 -20.93 -14.64
CA PRO A 127 -2.65 -22.04 -15.00
C PRO A 127 -4.10 -21.65 -15.10
N VAL A 128 -4.53 -20.60 -14.39
CA VAL A 128 -5.93 -20.19 -14.50
C VAL A 128 -6.19 -19.48 -15.82
N GLY A 129 -5.16 -18.86 -16.41
CA GLY A 129 -5.32 -18.26 -17.71
C GLY A 129 -6.09 -16.95 -17.75
N LEU A 130 -6.27 -16.27 -16.59
CA LEU A 130 -7.09 -15.07 -16.55
C LEU A 130 -6.58 -14.01 -17.51
N ASP A 131 -5.26 -13.90 -17.65
CA ASP A 131 -4.68 -12.90 -18.54
C ASP A 131 -4.73 -13.32 -20.01
N ARG A 132 -5.03 -14.58 -20.30
CA ARG A 132 -5.14 -15.05 -21.69
C ARG A 132 -6.57 -15.29 -22.14
N ARG A 133 -7.54 -15.35 -21.21
CA ARG A 133 -8.95 -15.57 -21.52
C ARG A 133 -9.59 -14.28 -22.02
N PRO A 134 -10.37 -14.31 -23.10
CA PRO A 134 -11.02 -13.08 -23.56
C PRO A 134 -11.93 -12.53 -22.49
N PRO A 135 -12.19 -11.23 -22.50
CA PRO A 135 -13.05 -10.64 -21.46
C PRO A 135 -14.43 -11.28 -21.45
N ASP A 136 -14.93 -11.53 -20.24
CA ASP A 136 -16.29 -11.97 -20.06
C ASP A 136 -17.26 -10.81 -19.88
N THR A 137 -16.75 -9.59 -19.71
CA THR A 137 -17.57 -8.39 -19.60
C THR A 137 -17.03 -7.35 -20.57
N THR A 138 -17.89 -6.82 -21.44
CA THR A 138 -17.54 -5.70 -22.30
C THR A 138 -18.40 -4.48 -22.02
N ASP A 139 -19.40 -4.60 -21.16
CA ASP A 139 -20.28 -3.48 -20.84
C ASP A 139 -19.54 -2.40 -20.06
N PRO A 140 -19.39 -1.17 -20.60
CA PRO A 140 -18.65 -0.12 -19.87
C PRO A 140 -19.22 0.17 -18.51
N VAL A 141 -20.54 0.07 -18.34
CA VAL A 141 -21.15 0.38 -17.06
C VAL A 141 -20.66 -0.58 -15.99
N GLU A 142 -20.74 -1.89 -16.28
CA GLU A 142 -20.30 -2.89 -15.31
C GLU A 142 -18.79 -2.81 -15.09
N LEU A 143 -18.02 -2.60 -16.17
CA LEU A 143 -16.58 -2.50 -16.02
C LEU A 143 -16.18 -1.32 -15.15
N THR A 144 -16.88 -0.18 -15.28
CA THR A 144 -16.55 0.98 -14.47
C THR A 144 -16.77 0.69 -12.99
N ASN A 145 -17.88 0.03 -12.65
CA ASN A 145 -18.13 -0.34 -11.26
C ASN A 145 -17.05 -1.29 -10.75
N TYR A 146 -16.75 -2.34 -11.53
CA TYR A 146 -15.74 -3.31 -11.12
C TYR A 146 -14.38 -2.66 -10.92
N VAL A 147 -13.94 -1.86 -11.89
CA VAL A 147 -12.58 -1.34 -11.81
C VAL A 147 -12.48 -0.28 -10.71
N LYS A 148 -13.56 0.45 -10.43
CA LYS A 148 -13.47 1.44 -9.36
C LYS A 148 -13.46 0.76 -8.00
N PHE A 149 -14.26 -0.29 -7.82
CA PHE A 149 -14.19 -1.08 -6.60
C PHE A 149 -12.76 -1.61 -6.39
N ALA A 150 -12.18 -2.20 -7.44
CA ALA A 150 -10.80 -2.68 -7.34
C ALA A 150 -9.85 -1.56 -6.98
N ALA A 151 -10.09 -0.36 -7.52
CA ALA A 151 -9.21 0.79 -7.25
C ALA A 151 -9.22 1.15 -5.78
N ARG A 152 -10.39 1.10 -5.14
CA ARG A 152 -10.45 1.40 -3.72
C ARG A 152 -9.75 0.33 -2.91
N MET A 153 -9.95 -0.95 -3.29
CA MET A 153 -9.19 -2.03 -2.68
C MET A 153 -7.69 -1.79 -2.79
N ALA A 154 -7.26 -1.22 -3.93
CA ALA A 154 -5.85 -1.02 -4.22
C ALA A 154 -5.29 0.25 -3.59
N GLY A 155 -6.04 0.94 -2.72
CA GLY A 155 -5.50 2.04 -1.95
C GLY A 155 -5.82 3.43 -2.45
N ALA A 156 -6.59 3.57 -3.53
CA ALA A 156 -7.02 4.89 -3.99
C ALA A 156 -8.04 5.45 -3.01
N ASP A 157 -7.86 6.71 -2.61
CA ASP A 157 -8.92 7.42 -1.90
C ASP A 157 -9.91 8.07 -2.84
N LEU A 158 -9.46 8.46 -4.03
CA LEU A 158 -10.29 8.98 -5.12
C LEU A 158 -9.97 8.20 -6.39
N VAL A 159 -10.99 7.96 -7.21
CA VAL A 159 -10.77 7.36 -8.53
C VAL A 159 -11.73 7.99 -9.53
N GLY A 160 -11.20 8.28 -10.73
CA GLY A 160 -12.03 8.79 -11.82
C GLY A 160 -11.58 8.21 -13.14
N VAL A 161 -12.41 8.40 -14.17
CA VAL A 161 -12.15 7.90 -15.51
C VAL A 161 -12.26 9.06 -16.50
N ALA A 162 -11.35 9.11 -17.47
CA ALA A 162 -11.48 10.02 -18.60
C ALA A 162 -11.07 9.29 -19.88
N ARG A 163 -11.62 9.75 -21.01
CA ARG A 163 -10.98 9.43 -22.27
C ARG A 163 -9.55 9.96 -22.24
N LEU A 164 -8.64 9.22 -22.85
CA LEU A 164 -7.23 9.60 -22.86
C LEU A 164 -7.02 10.76 -23.82
N ASN A 165 -6.52 11.87 -23.30
CA ASN A 165 -6.18 13.03 -24.11
C ASN A 165 -4.67 13.00 -24.35
N ARG A 166 -4.28 12.68 -25.59
CA ARG A 166 -2.87 12.50 -25.92
C ARG A 166 -2.06 13.77 -25.76
N ASN A 167 -2.73 14.94 -25.69
CA ASN A 167 -2.01 16.18 -25.48
C ASN A 167 -1.18 16.14 -24.19
N TRP A 168 -1.59 15.34 -23.22
CA TRP A 168 -0.91 15.31 -21.93
C TRP A 168 0.05 14.13 -21.80
N VAL A 169 0.11 13.24 -22.79
CA VAL A 169 1.10 12.17 -22.80
C VAL A 169 2.42 12.74 -23.30
N TYR A 170 3.51 12.42 -22.60
CA TYR A 170 4.81 12.98 -22.94
C TYR A 170 5.19 12.59 -24.37
N SER A 171 5.69 13.56 -25.13
CA SER A 171 6.20 13.24 -26.47
C SER A 171 7.32 12.22 -26.41
N GLU A 172 8.21 12.34 -25.41
CA GLU A 172 9.29 11.40 -25.18
C GLU A 172 9.44 11.20 -23.68
N ALA A 173 9.69 9.97 -23.27
CA ALA A 173 9.87 9.65 -21.86
C ALA A 173 11.34 9.72 -21.48
N VAL A 174 11.59 9.93 -20.19
CA VAL A 174 12.90 9.66 -19.61
C VAL A 174 12.92 8.20 -19.15
N THR A 175 13.92 7.45 -19.60
CA THR A 175 13.98 6.04 -19.23
C THR A 175 15.45 5.62 -19.21
N ILE A 176 15.70 4.33 -19.08
CA ILE A 176 17.04 3.77 -19.18
C ILE A 176 17.03 2.62 -20.18
N PRO A 177 18.16 2.30 -20.83
CA PRO A 177 18.22 1.10 -21.67
C PRO A 177 17.85 -0.14 -20.89
N ALA A 178 17.19 -1.09 -21.56
CA ALA A 178 16.68 -2.29 -20.91
C ALA A 178 17.78 -3.14 -20.29
N ASP A 179 19.01 -3.05 -20.77
CA ASP A 179 20.09 -3.88 -20.24
C ASP A 179 20.87 -3.20 -19.11
N VAL A 180 20.42 -2.06 -18.62
CA VAL A 180 21.16 -1.31 -17.61
C VAL A 180 20.61 -1.68 -16.24
N PRO A 181 21.44 -2.18 -15.32
CA PRO A 181 20.96 -2.57 -14.00
C PRO A 181 20.71 -1.34 -13.15
N TYR A 182 20.01 -1.55 -12.03
CA TYR A 182 19.59 -0.41 -11.21
C TYR A 182 20.78 0.46 -10.81
N GLU A 183 21.88 -0.16 -10.38
CA GLU A 183 22.96 0.63 -9.79
C GLU A 183 23.59 1.62 -10.78
N GLN A 184 23.34 1.48 -12.08
CA GLN A 184 23.80 2.46 -13.05
C GLN A 184 22.68 3.35 -13.60
N SER A 185 21.42 3.12 -13.19
CA SER A 185 20.29 3.79 -13.82
C SER A 185 20.43 5.31 -13.86
N LEU A 186 20.81 5.93 -12.73
CA LEU A 186 20.85 7.39 -12.69
C LEU A 186 21.89 7.96 -13.64
N HIS A 187 22.91 7.19 -14.01
CA HIS A 187 23.95 7.63 -14.92
C HIS A 187 23.62 7.39 -16.38
N LYS A 188 22.66 6.51 -16.67
CA LYS A 188 22.41 6.05 -18.04
C LYS A 188 21.01 6.43 -18.52
N GLU A 189 20.45 7.51 -18.01
CA GLU A 189 19.11 7.89 -18.43
C GLU A 189 19.12 8.40 -19.86
N ILE A 190 18.08 8.04 -20.61
CA ILE A 190 17.94 8.41 -22.02
C ILE A 190 16.52 8.94 -22.24
N GLU A 191 16.28 9.45 -23.45
CA GLU A 191 14.94 9.78 -23.88
C GLU A 191 14.47 8.73 -24.88
N LYS A 192 13.15 8.55 -24.94
CA LYS A 192 12.62 7.56 -25.84
C LYS A 192 11.21 7.96 -26.22
N PRO A 193 10.88 8.02 -27.51
CA PRO A 193 9.56 8.51 -27.93
C PRO A 193 8.43 7.61 -27.45
N ILE A 194 7.32 8.24 -27.08
CA ILE A 194 6.05 7.57 -26.85
C ILE A 194 5.16 7.83 -28.05
N VAL A 195 4.76 6.76 -28.74
CA VAL A 195 4.00 6.87 -29.98
C VAL A 195 2.78 5.95 -29.92
N PHE A 196 1.79 6.29 -30.74
CA PHE A 196 0.54 5.52 -30.82
C PHE A 196 0.46 4.85 -32.18
N LYS A 197 0.25 3.52 -32.20
CA LYS A 197 0.28 2.76 -33.43
C LYS A 197 -0.81 1.69 -33.39
N ASP A 198 -1.08 1.12 -34.56
CA ASP A 198 -2.09 0.08 -34.72
C ASP A 198 -1.45 -1.26 -34.40
N VAL A 199 -1.29 -1.50 -33.11
CA VAL A 199 -0.77 -2.77 -32.60
C VAL A 199 -1.74 -3.27 -31.54
N PRO A 200 -1.73 -4.58 -31.24
CA PRO A 200 -2.74 -5.11 -30.31
C PRO A 200 -2.44 -4.83 -28.84
N LEU A 201 -1.17 -4.72 -28.47
CA LEU A 201 -0.77 -4.65 -27.07
C LEU A 201 0.32 -3.60 -26.88
N PRO A 202 0.38 -2.96 -25.72
CA PRO A 202 1.52 -2.09 -25.42
C PRO A 202 2.82 -2.85 -25.59
N ILE A 203 3.77 -2.25 -26.29
CA ILE A 203 5.02 -2.94 -26.59
C ILE A 203 6.11 -1.89 -26.65
N GLU A 204 7.34 -2.32 -26.37
CA GLU A 204 8.50 -1.44 -26.43
C GLU A 204 9.56 -2.04 -27.36
N THR A 205 9.96 -1.28 -28.37
CA THR A 205 11.04 -1.68 -29.25
C THR A 205 12.32 -0.99 -28.80
N ASP A 206 13.42 -1.26 -29.51
CA ASP A 206 14.66 -0.52 -29.24
C ASP A 206 14.47 0.98 -29.41
N ASP A 207 13.58 1.39 -30.31
CA ASP A 207 13.44 2.79 -30.69
C ASP A 207 12.23 3.49 -30.07
N GLU A 208 11.18 2.77 -29.68
CA GLU A 208 9.91 3.42 -29.37
C GLU A 208 9.19 2.70 -28.24
N LEU A 209 8.45 3.48 -27.45
CA LEU A 209 7.43 2.97 -26.55
C LEU A 209 6.10 3.12 -27.26
N ILE A 210 5.45 2.00 -27.56
CA ILE A 210 4.29 2.01 -28.44
C ILE A 210 3.04 1.73 -27.63
N ILE A 211 2.17 2.72 -27.57
CA ILE A 211 0.85 2.58 -26.95
C ILE A 211 -0.14 2.27 -28.07
N PRO A 212 -0.98 1.25 -27.94
CA PRO A 212 -1.93 0.94 -29.02
C PRO A 212 -2.95 2.04 -29.22
N ASN A 213 -3.38 2.20 -30.48
CA ASN A 213 -4.45 3.15 -30.80
C ASN A 213 -5.75 2.81 -30.11
N THR A 214 -5.92 1.56 -29.68
CA THR A 214 -7.11 1.18 -28.93
C THR A 214 -7.05 1.60 -27.46
N CYS A 215 -5.96 2.23 -27.02
CA CYS A 215 -5.87 2.63 -25.61
C CYS A 215 -6.77 3.83 -25.36
N GLU A 216 -8.04 3.57 -25.10
CA GLU A 216 -9.06 4.61 -25.10
C GLU A 216 -9.08 5.45 -23.82
N ASN A 217 -8.74 4.88 -22.67
CA ASN A 217 -9.16 5.44 -21.39
C ASN A 217 -7.99 5.57 -20.43
N VAL A 218 -8.15 6.48 -19.48
CA VAL A 218 -7.20 6.67 -18.40
C VAL A 218 -7.97 6.66 -17.08
N ILE A 219 -7.50 5.85 -16.13
CA ILE A 219 -8.06 5.79 -14.79
C ILE A 219 -7.11 6.55 -13.88
N VAL A 220 -7.63 7.53 -13.14
CA VAL A 220 -6.81 8.39 -12.28
C VAL A 220 -7.16 8.11 -10.83
N ALA A 221 -6.13 7.90 -10.01
CA ALA A 221 -6.27 7.68 -8.57
C ALA A 221 -5.76 8.88 -7.78
N GLY A 222 -6.48 9.23 -6.71
CA GLY A 222 -5.98 10.14 -5.71
C GLY A 222 -5.59 9.37 -4.46
N ILE A 223 -4.39 9.65 -3.96
CA ILE A 223 -3.77 8.96 -2.82
C ILE A 223 -3.56 10.00 -1.72
N ALA A 224 -4.40 9.99 -0.68
CA ALA A 224 -4.44 11.11 0.26
C ALA A 224 -3.22 11.15 1.15
N MET A 225 -2.62 12.33 1.27
CA MET A 225 -1.53 12.55 2.21
C MET A 225 -2.10 12.94 3.56
N ASN A 226 -1.23 13.00 4.57
CA ASN A 226 -1.66 13.26 5.94
C ASN A 226 -1.58 14.75 6.23
N ARG A 227 -2.68 15.31 6.76
CA ARG A 227 -2.76 16.77 6.94
C ARG A 227 -1.75 17.27 7.97
N GLU A 228 -1.71 16.63 9.15
CA GLU A 228 -0.82 17.11 10.21
C GLU A 228 0.63 17.09 9.76
N MET A 229 1.03 16.08 9.00
CA MET A 229 2.41 15.98 8.56
C MET A 229 2.71 17.00 7.45
N MET A 230 1.78 17.19 6.51
CA MET A 230 2.01 18.17 5.46
C MET A 230 2.06 19.58 6.03
N GLN A 231 1.31 19.85 7.09
N GLN A 231 1.31 19.84 7.09
CA GLN A 231 1.34 21.18 7.67
CA GLN A 231 1.34 21.17 7.69
C GLN A 231 2.69 21.49 8.32
C GLN A 231 2.67 21.47 8.37
N THR A 232 3.58 20.51 8.47
CA THR A 232 4.94 20.80 8.91
C THR A 232 5.83 21.26 7.76
N ALA A 233 5.32 21.34 6.55
CA ALA A 233 6.09 21.83 5.40
C ALA A 233 6.75 23.15 5.75
N PRO A 234 8.03 23.34 5.37
CA PRO A 234 8.86 22.48 4.52
C PRO A 234 9.74 21.49 5.31
N ASN A 235 9.34 21.13 6.51
CA ASN A 235 10.20 20.32 7.37
C ASN A 235 10.02 18.83 7.07
N SER A 236 10.72 17.99 7.83
CA SER A 236 10.91 16.60 7.40
C SER A 236 9.60 15.80 7.38
N MET A 237 8.66 16.06 8.29
CA MET A 237 7.48 15.20 8.33
C MET A 237 6.61 15.37 7.10
N ALA A 238 6.63 16.54 6.46
CA ALA A 238 5.99 16.70 5.15
C ALA A 238 6.64 15.81 4.10
N CYS A 239 7.97 15.67 4.18
CA CYS A 239 8.67 14.76 3.27
C CYS A 239 8.21 13.32 3.50
N ALA A 240 7.92 12.96 4.74
CA ALA A 240 7.56 11.56 5.03
C ALA A 240 6.19 11.20 4.45
N THR A 241 5.17 12.06 4.62
CA THR A 241 3.88 11.70 4.05
C THR A 241 3.96 11.71 2.51
N THR A 242 4.74 12.62 1.92
CA THR A 242 4.99 12.56 0.48
C THR A 242 5.57 11.21 0.09
N ALA A 243 6.62 10.80 0.80
CA ALA A 243 7.36 9.60 0.42
C ALA A 243 6.48 8.35 0.53
N PHE A 244 5.78 8.19 1.66
CA PHE A 244 4.92 7.02 1.83
C PHE A 244 3.86 6.94 0.72
N CYS A 245 3.31 8.08 0.31
CA CYS A 245 2.28 8.03 -0.72
C CYS A 245 2.82 7.66 -2.09
N TYR A 246 4.13 7.89 -2.36
CA TYR A 246 4.70 7.39 -3.61
C TYR A 246 4.73 5.87 -3.62
N SER A 247 5.00 5.25 -2.47
CA SER A 247 4.97 3.79 -2.45
C SER A 247 3.54 3.28 -2.52
N ARG A 248 2.59 4.01 -1.92
CA ARG A 248 1.18 3.67 -2.12
C ARG A 248 0.80 3.79 -3.60
N MET A 249 1.26 4.84 -4.29
CA MET A 249 0.99 4.99 -5.72
C MET A 249 1.48 3.77 -6.48
N CYS A 250 2.69 3.31 -6.16
CA CYS A 250 3.26 2.19 -6.90
C CYS A 250 2.43 0.92 -6.70
N MET A 251 2.02 0.63 -5.46
N MET A 251 2.05 0.62 -5.45
CA MET A 251 1.23 -0.57 -5.22
CA MET A 251 1.21 -0.55 -5.20
C MET A 251 -0.14 -0.46 -5.88
C MET A 251 -0.10 -0.45 -5.94
N PHE A 252 -0.72 0.74 -5.92
CA PHE A 252 -1.98 0.94 -6.64
C PHE A 252 -1.85 0.54 -8.11
N ASP A 253 -0.85 1.09 -8.80
CA ASP A 253 -0.69 0.86 -10.23
C ASP A 253 -0.55 -0.63 -10.51
N MET A 254 0.29 -1.32 -9.74
CA MET A 254 0.52 -2.74 -9.99
C MET A 254 -0.73 -3.56 -9.69
N TRP A 255 -1.34 -3.34 -8.53
CA TRP A 255 -2.61 -3.99 -8.21
C TRP A 255 -3.64 -3.78 -9.33
N LEU A 256 -3.87 -2.53 -9.73
CA LEU A 256 -4.94 -2.25 -10.70
C LEU A 256 -4.62 -2.83 -12.08
N CYS A 257 -3.36 -2.70 -12.52
CA CYS A 257 -3.01 -3.24 -13.84
C CYS A 257 -3.25 -4.75 -13.86
N GLN A 258 -2.86 -5.45 -12.79
CA GLN A 258 -3.11 -6.89 -12.72
C GLN A 258 -4.60 -7.20 -12.76
N PHE A 259 -5.42 -6.44 -12.02
CA PHE A 259 -6.86 -6.63 -12.11
C PHE A 259 -7.35 -6.47 -13.55
N ILE A 260 -6.93 -5.39 -14.20
CA ILE A 260 -7.39 -5.12 -15.57
C ILE A 260 -6.93 -6.23 -16.51
N ARG A 261 -5.68 -6.69 -16.34
CA ARG A 261 -5.14 -7.77 -17.17
C ARG A 261 -5.90 -9.06 -16.95
N TYR A 262 -6.20 -9.38 -15.70
CA TYR A 262 -6.93 -10.60 -15.37
C TYR A 262 -8.41 -10.52 -15.77
N MET A 263 -8.90 -9.32 -16.11
CA MET A 263 -10.22 -9.14 -16.73
C MET A 263 -10.18 -9.28 -18.25
N GLY A 264 -9.00 -9.50 -18.83
CA GLY A 264 -8.90 -9.69 -20.27
C GLY A 264 -8.58 -8.46 -21.08
N TYR A 265 -8.13 -7.38 -20.45
CA TYR A 265 -7.67 -6.20 -21.16
C TYR A 265 -6.19 -5.97 -20.83
N TYR A 266 -5.61 -4.92 -21.41
CA TYR A 266 -4.24 -4.56 -21.09
C TYR A 266 -4.24 -3.27 -20.30
N ALA A 267 -3.12 -2.98 -19.64
CA ALA A 267 -3.04 -1.86 -18.72
C ALA A 267 -1.61 -1.40 -18.62
N ILE A 268 -1.43 -0.09 -18.68
CA ILE A 268 -0.13 0.57 -18.58
C ILE A 268 -0.08 1.33 -17.26
N PRO A 269 0.85 1.00 -16.36
CA PRO A 269 1.06 1.81 -15.15
C PRO A 269 1.87 3.05 -15.49
N SER A 270 1.99 3.97 -14.52
CA SER A 270 2.78 5.16 -14.81
C SER A 270 3.39 5.89 -13.60
N CYS A 271 2.72 5.90 -12.45
CA CYS A 271 3.09 6.80 -11.35
C CYS A 271 3.45 8.20 -11.88
N ASN A 272 4.69 8.69 -11.69
CA ASN A 272 5.00 10.03 -12.19
C ASN A 272 5.42 10.06 -13.66
N GLY A 273 5.42 8.93 -14.36
CA GLY A 273 5.84 8.89 -15.75
C GLY A 273 4.69 9.02 -16.74
N VAL A 274 5.05 8.86 -18.01
CA VAL A 274 4.14 8.70 -19.15
C VAL A 274 3.36 9.96 -19.53
N GLY A 275 2.75 10.64 -18.56
CA GLY A 275 1.99 11.83 -18.89
C GLY A 275 1.73 12.70 -17.68
N GLN A 276 1.05 13.82 -17.92
CA GLN A 276 0.87 14.86 -16.90
C GLN A 276 -0.35 14.55 -16.04
N SER A 277 -0.10 14.12 -14.81
CA SER A 277 -1.16 13.65 -13.91
C SER A 277 -2.23 14.70 -13.63
N VAL A 278 -1.82 15.96 -13.45
CA VAL A 278 -2.80 17.00 -13.11
C VAL A 278 -3.84 17.14 -14.22
N ALA A 279 -3.40 17.13 -15.47
CA ALA A 279 -4.34 17.30 -16.57
C ALA A 279 -5.32 16.13 -16.64
N PHE A 280 -4.81 14.89 -16.55
CA PHE A 280 -5.68 13.73 -16.53
C PHE A 280 -6.67 13.82 -15.37
N ALA A 281 -6.19 14.21 -14.18
CA ALA A 281 -7.05 14.29 -13.00
C ALA A 281 -8.17 15.31 -13.20
N VAL A 282 -7.85 16.45 -13.80
CA VAL A 282 -8.90 17.44 -14.11
C VAL A 282 -9.92 16.86 -15.07
N GLU A 283 -9.45 16.18 -16.13
CA GLU A 283 -10.38 15.67 -17.13
C GLU A 283 -11.19 14.50 -16.60
N ALA A 284 -10.67 13.79 -15.60
CA ALA A 284 -11.38 12.70 -14.95
C ALA A 284 -12.30 13.19 -13.83
N GLY A 285 -12.34 14.50 -13.59
CA GLY A 285 -13.24 15.06 -12.59
C GLY A 285 -12.82 14.93 -11.15
N LEU A 286 -11.55 14.56 -10.87
CA LEU A 286 -11.12 14.53 -9.47
C LEU A 286 -11.11 15.93 -8.87
N GLY A 287 -10.83 16.94 -9.67
CA GLY A 287 -10.74 18.30 -9.13
C GLY A 287 -10.45 19.31 -10.21
N GLN A 288 -9.99 20.50 -9.77
CA GLN A 288 -9.68 21.59 -10.66
C GLN A 288 -8.22 22.01 -10.54
N ALA A 289 -7.68 22.48 -11.66
CA ALA A 289 -6.38 23.12 -11.64
C ALA A 289 -6.42 24.37 -10.77
N SER A 290 -5.24 24.78 -10.31
CA SER A 290 -5.15 25.81 -9.30
C SER A 290 -3.98 26.72 -9.62
N ARG A 291 -3.87 27.83 -8.87
CA ARG A 291 -2.77 28.76 -9.06
C ARG A 291 -1.43 28.06 -8.82
N MET A 292 -1.32 27.28 -7.73
CA MET A 292 -0.04 26.62 -7.50
C MET A 292 0.28 25.61 -8.59
N GLY A 293 -0.73 25.11 -9.31
CA GLY A 293 -0.52 24.16 -10.39
C GLY A 293 -1.02 22.76 -10.12
N ALA A 294 -1.41 22.46 -8.89
CA ALA A 294 -1.90 21.15 -8.52
C ALA A 294 -3.39 21.01 -8.84
N CYS A 295 -3.85 19.77 -8.87
CA CYS A 295 -5.28 19.48 -8.89
C CYS A 295 -5.83 19.61 -7.48
N ILE A 296 -6.77 20.53 -7.28
CA ILE A 296 -7.42 20.73 -5.98
C ILE A 296 -8.72 19.94 -5.97
N THR A 297 -8.87 19.06 -4.97
CA THR A 297 -10.00 18.17 -4.85
C THR A 297 -10.92 18.63 -3.73
N PRO A 298 -12.23 18.35 -3.83
CA PRO A 298 -13.14 18.73 -2.74
C PRO A 298 -12.78 18.10 -1.43
N GLU A 299 -12.31 16.83 -1.44
CA GLU A 299 -12.08 16.06 -0.22
C GLU A 299 -10.76 16.43 0.47
N PHE A 300 -9.72 16.68 -0.30
CA PHE A 300 -8.38 16.85 0.25
C PHE A 300 -7.70 18.15 -0.15
N GLY A 301 -8.37 19.02 -0.90
CA GLY A 301 -7.70 20.12 -1.53
C GLY A 301 -6.59 19.56 -2.41
N PRO A 302 -5.46 20.25 -2.45
CA PRO A 302 -4.29 19.74 -3.18
C PRO A 302 -3.48 18.73 -2.40
N ASN A 303 -3.88 18.36 -1.18
CA ASN A 303 -3.03 17.51 -0.32
C ASN A 303 -3.32 16.04 -0.60
N VAL A 304 -3.05 15.65 -1.85
CA VAL A 304 -3.41 14.32 -2.34
C VAL A 304 -2.47 14.03 -3.50
N ARG A 305 -1.92 12.83 -3.55
CA ARG A 305 -1.07 12.50 -4.69
C ARG A 305 -1.90 11.83 -5.78
N LEU A 306 -1.37 11.85 -7.00
CA LEU A 306 -2.03 11.30 -8.18
C LEU A 306 -1.17 10.20 -8.79
N THR A 307 -1.82 9.17 -9.32
CA THR A 307 -1.22 8.26 -10.27
C THR A 307 -2.32 7.91 -11.27
N LYS A 308 -1.95 7.15 -12.30
CA LYS A 308 -2.91 6.85 -13.35
C LYS A 308 -2.49 5.58 -14.10
N VAL A 309 -3.49 4.94 -14.70
CA VAL A 309 -3.34 3.70 -15.46
C VAL A 309 -4.11 3.85 -16.76
N PHE A 310 -3.50 3.46 -17.88
CA PHE A 310 -4.08 3.60 -19.21
C PHE A 310 -4.57 2.23 -19.70
N THR A 311 -5.75 2.19 -20.31
CA THR A 311 -6.31 0.88 -20.66
C THR A 311 -7.26 0.96 -21.85
N ASN A 312 -7.43 -0.17 -22.52
CA ASN A 312 -8.49 -0.33 -23.53
C ASN A 312 -9.79 -0.83 -22.92
N MET A 313 -9.81 -1.14 -21.64
CA MET A 313 -11.05 -1.58 -21.01
C MET A 313 -12.15 -0.56 -21.29
N PRO A 314 -13.30 -0.98 -21.84
CA PRO A 314 -14.40 -0.02 -22.00
C PRO A 314 -14.83 0.52 -20.65
N LEU A 315 -15.02 1.84 -20.58
CA LEU A 315 -15.38 2.52 -19.34
C LEU A 315 -16.26 3.72 -19.65
N VAL A 316 -17.00 4.17 -18.64
CA VAL A 316 -17.81 5.38 -18.71
C VAL A 316 -17.00 6.53 -18.14
N PRO A 317 -16.66 7.55 -18.93
CA PRO A 317 -15.90 8.68 -18.38
C PRO A 317 -16.73 9.43 -17.35
N ASP A 318 -16.03 9.98 -16.36
CA ASP A 318 -16.72 10.80 -15.39
C ASP A 318 -16.84 12.23 -15.91
N LYS A 319 -17.75 12.98 -15.31
CA LYS A 319 -17.93 14.39 -15.65
C LYS A 319 -16.89 15.24 -14.92
N PRO A 320 -16.36 16.28 -15.56
CA PRO A 320 -15.52 17.23 -14.83
C PRO A 320 -16.33 17.94 -13.75
N ILE A 321 -15.61 18.59 -12.84
CA ILE A 321 -16.22 19.25 -11.70
C ILE A 321 -15.77 20.71 -11.69
N ASP A 322 -16.68 21.60 -11.32
CA ASP A 322 -16.36 23.02 -11.17
C ASP A 322 -16.98 23.44 -9.84
N PHE A 323 -16.18 23.45 -8.77
CA PHE A 323 -16.64 23.97 -7.48
C PHE A 323 -16.02 25.32 -7.16
N GLY A 324 -15.63 26.08 -8.19
CA GLY A 324 -15.21 27.46 -8.02
C GLY A 324 -13.74 27.68 -7.70
N VAL A 325 -12.88 26.69 -7.89
CA VAL A 325 -11.47 26.86 -7.54
C VAL A 325 -10.85 28.02 -8.30
N THR A 326 -11.11 28.08 -9.61
CA THR A 326 -10.50 29.12 -10.44
C THR A 326 -10.76 30.51 -9.89
N GLU A 327 -12.01 30.77 -9.48
CA GLU A 327 -12.36 32.09 -8.96
C GLU A 327 -11.75 32.34 -7.58
N PHE A 328 -11.64 31.29 -6.76
CA PHE A 328 -10.95 31.47 -5.49
C PHE A 328 -9.46 31.74 -5.72
N CYS A 329 -8.82 30.97 -6.59
CA CYS A 329 -7.40 31.20 -6.85
C CYS A 329 -7.17 32.61 -7.43
N GLU A 330 -8.14 33.14 -8.18
N GLU A 330 -8.15 33.13 -8.17
CA GLU A 330 -7.95 34.46 -8.77
CA GLU A 330 -7.99 34.44 -8.78
C GLU A 330 -7.76 35.52 -7.71
C GLU A 330 -7.79 35.52 -7.72
N THR A 331 -8.44 35.38 -6.56
CA THR A 331 -8.33 36.37 -5.49
C THR A 331 -7.46 35.95 -4.30
N CYS A 332 -7.15 34.66 -4.15
CA CYS A 332 -6.51 34.18 -2.92
C CYS A 332 -5.01 34.52 -2.86
N LYS A 333 -4.21 33.89 -3.72
CA LYS A 333 -2.74 34.08 -3.82
C LYS A 333 -1.96 33.73 -2.53
N LYS A 334 -2.54 32.99 -1.57
CA LYS A 334 -1.78 32.64 -0.37
C LYS A 334 -0.53 31.83 -0.71
N CYS A 335 -0.64 30.88 -1.65
CA CYS A 335 0.51 30.09 -2.01
C CYS A 335 1.60 30.93 -2.66
N ALA A 336 1.21 31.88 -3.51
CA ALA A 336 2.19 32.75 -4.15
C ALA A 336 2.94 33.58 -3.11
N ARG A 337 2.23 34.05 -2.08
CA ARG A 337 2.83 34.92 -1.10
C ARG A 337 3.70 34.16 -0.12
N GLU A 338 3.36 32.91 0.19
CA GLU A 338 4.14 32.15 1.16
C GLU A 338 5.27 31.34 0.52
N CYS A 339 5.25 31.16 -0.79
CA CYS A 339 6.24 30.32 -1.45
C CYS A 339 7.64 30.81 -1.11
N PRO A 340 8.51 29.99 -0.51
CA PRO A 340 9.84 30.48 -0.11
C PRO A 340 10.74 30.82 -1.28
N SER A 341 10.41 30.44 -2.50
CA SER A 341 11.23 30.78 -3.65
C SER A 341 10.53 31.72 -4.62
N LYS A 342 9.32 32.16 -4.29
CA LYS A 342 8.55 33.04 -5.18
C LYS A 342 8.36 32.40 -6.56
N ALA A 343 8.16 31.07 -6.58
CA ALA A 343 8.00 30.37 -7.84
C ALA A 343 6.61 30.51 -8.43
N ILE A 344 5.63 30.84 -7.62
CA ILE A 344 4.24 30.86 -8.07
C ILE A 344 3.85 32.28 -8.48
N THR A 345 3.32 32.42 -9.69
CA THR A 345 2.93 33.75 -10.17
C THR A 345 1.74 34.31 -9.37
N GLU A 346 1.74 35.63 -9.22
CA GLU A 346 0.58 36.36 -8.72
C GLU A 346 -0.26 36.94 -9.85
N GLY A 347 0.15 36.74 -11.10
CA GLY A 347 -0.56 37.31 -12.23
C GLY A 347 -1.67 36.42 -12.72
N PRO A 348 -2.25 36.78 -13.87
CA PRO A 348 -3.36 36.01 -14.42
C PRO A 348 -2.87 34.77 -15.17
N ARG A 349 -3.84 33.93 -15.54
CA ARG A 349 -3.53 32.79 -16.38
C ARG A 349 -3.23 33.23 -17.81
N THR A 350 -2.32 32.52 -18.48
CA THR A 350 -1.97 32.78 -19.87
C THR A 350 -1.76 31.45 -20.58
N PHE A 351 -1.59 31.52 -21.90
CA PHE A 351 -1.23 30.36 -22.72
C PHE A 351 0.27 30.26 -22.95
N GLU A 352 1.07 31.13 -22.35
CA GLU A 352 2.47 31.27 -22.70
C GLU A 352 3.34 30.74 -21.57
N GLY A 353 4.14 29.73 -21.87
CA GLY A 353 4.99 29.15 -20.84
C GLY A 353 5.96 30.18 -20.28
N ARG A 354 6.20 30.08 -18.97
CA ARG A 354 7.18 30.94 -18.32
C ARG A 354 8.61 30.55 -18.71
N SER A 355 8.86 29.26 -18.89
CA SER A 355 10.17 28.75 -19.27
C SER A 355 9.98 27.37 -19.87
N ILE A 356 11.10 26.70 -20.14
CA ILE A 356 11.09 25.38 -20.77
C ILE A 356 10.31 24.36 -19.95
N HIS A 357 10.17 24.55 -18.64
CA HIS A 357 9.48 23.55 -17.83
C HIS A 357 7.96 23.56 -18.02
N ASN A 358 7.41 24.65 -18.55
CA ASN A 358 5.97 24.75 -18.78
C ASN A 358 5.62 24.31 -20.19
N GLN A 359 4.50 23.63 -20.32
CA GLN A 359 3.95 23.31 -21.64
C GLN A 359 3.09 24.47 -22.10
N SER A 360 3.54 25.18 -23.12
CA SER A 360 2.75 26.28 -23.66
C SER A 360 1.53 25.77 -24.43
N GLY A 361 0.57 26.66 -24.60
CA GLY A 361 -0.61 26.36 -25.39
C GLY A 361 -1.83 25.92 -24.62
N LYS A 362 -1.79 25.97 -23.28
CA LYS A 362 -2.94 25.66 -22.45
C LYS A 362 -3.06 26.73 -21.38
N LEU A 363 -4.29 27.07 -21.04
CA LEU A 363 -4.55 28.19 -20.13
C LEU A 363 -4.35 27.72 -18.69
N GLN A 364 -3.37 28.34 -18.01
CA GLN A 364 -3.02 27.94 -16.65
C GLN A 364 -2.23 29.07 -16.02
N TRP A 365 -2.09 29.01 -14.71
CA TRP A 365 -1.15 29.88 -14.01
C TRP A 365 0.25 29.35 -14.26
N GLN A 366 1.12 30.20 -14.81
CA GLN A 366 2.43 29.79 -15.30
C GLN A 366 3.46 30.06 -14.22
N ASN A 367 4.02 29.00 -13.65
CA ASN A 367 4.92 29.11 -12.52
C ASN A 367 6.35 28.79 -12.93
N ASP A 368 7.31 29.31 -12.16
CA ASP A 368 8.73 29.08 -12.44
C ASP A 368 9.17 27.88 -11.61
N TYR A 369 9.18 26.71 -12.24
CA TYR A 369 9.45 25.49 -11.50
C TYR A 369 10.94 25.25 -11.28
N ASN A 370 11.81 26.02 -11.94
CA ASN A 370 13.23 26.00 -11.57
C ASN A 370 13.44 26.68 -10.22
N LYS A 371 12.75 27.78 -9.96
CA LYS A 371 12.84 28.41 -8.64
C LYS A 371 12.35 27.47 -7.53
N CYS A 372 11.23 26.77 -7.76
CA CYS A 372 10.74 25.80 -6.80
C CYS A 372 11.82 24.75 -6.48
N LEU A 373 12.32 24.07 -7.52
CA LEU A 373 13.32 23.01 -7.30
C LEU A 373 14.55 23.55 -6.57
N GLY A 374 14.95 24.79 -6.86
CA GLY A 374 16.08 25.38 -6.16
C GLY A 374 15.92 25.44 -4.65
N TYR A 375 14.68 25.57 -4.16
CA TYR A 375 14.46 25.60 -2.71
C TYR A 375 14.60 24.24 -2.05
N TRP A 376 14.52 23.14 -2.81
CA TRP A 376 14.58 21.82 -2.18
C TRP A 376 15.94 21.53 -1.58
N PRO A 377 17.07 21.70 -2.29
CA PRO A 377 18.38 21.54 -1.62
C PRO A 377 18.58 22.51 -0.48
N GLU A 378 18.05 23.72 -0.61
CA GLU A 378 18.21 24.72 0.44
C GLU A 378 17.51 24.29 1.72
N SER A 379 16.33 23.71 1.60
CA SER A 379 15.57 23.30 2.77
C SER A 379 15.77 21.83 3.11
N GLY A 380 16.43 21.06 2.25
CA GLY A 380 16.64 19.66 2.52
C GLY A 380 15.39 18.80 2.48
N GLY A 381 14.42 19.17 1.67
CA GLY A 381 13.19 18.40 1.59
C GLY A 381 12.48 18.58 0.27
N TYR A 382 11.15 18.37 0.29
CA TYR A 382 10.31 18.53 -0.89
C TYR A 382 9.32 19.69 -0.69
N CYS A 383 9.66 20.62 0.21
CA CYS A 383 8.86 21.79 0.55
C CYS A 383 7.40 21.38 0.80
N GLY A 384 6.49 21.78 -0.09
CA GLY A 384 5.07 21.59 0.15
C GLY A 384 4.38 22.75 0.84
N VAL A 385 5.07 23.88 1.04
CA VAL A 385 4.44 25.01 1.73
C VAL A 385 3.17 25.46 1.03
N CYS A 386 3.19 25.46 -0.30
CA CYS A 386 2.02 25.87 -1.05
C CYS A 386 0.82 24.96 -0.74
N VAL A 387 1.05 23.65 -0.68
CA VAL A 387 -0.01 22.70 -0.29
C VAL A 387 -0.47 22.97 1.13
N ALA A 388 0.47 23.22 2.04
CA ALA A 388 0.12 23.38 3.45
C ALA A 388 -0.70 24.66 3.68
N VAL A 389 -0.38 25.75 2.96
CA VAL A 389 -1.10 26.99 3.24
C VAL A 389 -2.40 27.13 2.44
N CYS A 390 -2.63 26.28 1.45
CA CYS A 390 -3.84 26.38 0.67
C CYS A 390 -5.07 26.15 1.54
N PRO A 391 -6.04 27.07 1.56
CA PRO A 391 -7.24 26.83 2.39
C PRO A 391 -7.95 25.53 2.05
N PHE A 392 -7.87 25.06 0.80
CA PHE A 392 -8.54 23.83 0.43
C PHE A 392 -7.94 22.61 1.10
N THR A 393 -6.72 22.73 1.65
CA THR A 393 -6.13 21.64 2.44
C THR A 393 -6.75 21.51 3.83
N LYS A 394 -7.44 22.55 4.31
CA LYS A 394 -8.14 22.45 5.59
C LYS A 394 -9.26 21.42 5.51
N GLY A 395 -9.36 20.57 6.54
CA GLY A 395 -10.30 19.45 6.51
C GLY A 395 -11.77 19.83 6.55
N ASN A 396 -12.10 21.05 6.96
CA ASN A 396 -13.48 21.43 7.28
C ASN A 396 -13.94 22.64 6.49
N ILE A 397 -13.49 22.77 5.23
CA ILE A 397 -13.79 23.98 4.48
C ILE A 397 -15.23 24.03 3.98
N TRP A 398 -15.94 22.89 3.97
CA TRP A 398 -17.27 22.81 3.35
C TRP A 398 -18.34 23.07 4.39
N ILE A 399 -19.32 23.90 4.04
CA ILE A 399 -20.47 24.10 4.91
C ILE A 399 -21.75 23.96 4.08
N HIS A 400 -22.84 23.59 4.76
CA HIS A 400 -24.13 23.44 4.12
C HIS A 400 -25.07 24.52 4.68
N ASP A 401 -25.74 25.25 3.79
CA ASP A 401 -26.55 26.38 4.22
C ASP A 401 -28.04 26.04 4.35
N GLY A 402 -28.39 24.75 4.42
CA GLY A 402 -29.77 24.32 4.40
C GLY A 402 -30.30 23.98 3.02
N VAL A 403 -29.72 24.54 1.97
CA VAL A 403 -30.10 24.27 0.60
C VAL A 403 -29.01 23.51 -0.14
N GLU A 404 -27.76 23.98 -0.05
CA GLU A 404 -26.69 23.38 -0.83
C GLU A 404 -25.35 23.55 -0.10
N TRP A 405 -24.31 22.99 -0.70
CA TRP A 405 -22.96 23.07 -0.17
C TRP A 405 -22.24 24.32 -0.67
N LEU A 406 -21.35 24.84 0.16
CA LEU A 406 -20.56 26.00 -0.26
C LEU A 406 -19.23 25.99 0.49
N ILE A 407 -18.29 26.76 -0.05
N ILE A 407 -18.26 26.71 -0.08
CA ILE A 407 -16.96 26.91 0.53
CA ILE A 407 -16.96 26.89 0.54
C ILE A 407 -17.01 28.04 1.54
C ILE A 407 -17.05 28.02 1.57
N ASP A 408 -16.43 27.81 2.73
CA ASP A 408 -16.41 28.82 3.78
C ASP A 408 -15.36 29.87 3.47
N ASN A 409 -15.79 31.07 3.07
CA ASN A 409 -14.86 32.13 2.71
C ASN A 409 -14.01 32.60 3.90
N THR A 410 -14.38 32.29 5.14
CA THR A 410 -13.55 32.76 6.25
C THR A 410 -12.16 32.14 6.20
N ARG A 411 -12.05 30.91 5.68
CA ARG A 411 -10.77 30.22 5.51
C ARG A 411 -9.82 30.93 4.56
N PHE A 412 -10.30 31.92 3.81
CA PHE A 412 -9.45 32.62 2.85
C PHE A 412 -9.00 33.99 3.34
N LEU A 413 -9.42 34.40 4.53
CA LEU A 413 -9.05 35.71 5.06
C LEU A 413 -7.54 35.85 5.25
N ASN A 431 4.20 21.85 16.01
CA ASN A 431 5.59 21.42 15.85
C ASN A 431 5.70 19.90 15.68
N ILE A 432 6.89 19.46 15.26
CA ILE A 432 7.05 18.09 14.83
C ILE A 432 6.99 17.10 16.00
N THR A 433 7.45 17.51 17.18
CA THR A 433 7.30 16.65 18.36
C THR A 433 5.84 16.31 18.61
N GLU A 434 4.97 17.33 18.52
CA GLU A 434 3.54 17.11 18.70
C GLU A 434 2.97 16.22 17.61
N VAL A 435 3.54 16.25 16.40
CA VAL A 435 3.10 15.35 15.35
C VAL A 435 3.44 13.91 15.72
N TRP A 436 4.69 13.66 16.14
CA TRP A 436 5.09 12.31 16.54
C TRP A 436 4.27 11.81 17.73
N ASP A 437 3.87 12.72 18.60
CA ASP A 437 3.12 12.36 19.80
C ASP A 437 1.61 12.41 19.62
N GLY A 438 1.12 12.86 18.46
CA GLY A 438 -0.28 13.16 18.28
C GLY A 438 -1.03 12.10 17.51
N LYS A 439 -2.09 12.54 16.82
CA LYS A 439 -3.03 11.64 16.18
C LYS A 439 -2.43 10.97 14.95
N ILE A 440 -2.63 9.65 14.83
CA ILE A 440 -2.28 8.92 13.62
C ILE A 440 -3.25 7.74 13.49
N ASN A 441 -3.37 7.22 12.27
CA ASN A 441 -4.23 6.08 11.97
C ASN A 441 -3.64 5.41 10.74
N THR A 442 -4.30 4.34 10.29
CA THR A 442 -3.74 3.48 9.26
C THR A 442 -3.47 4.27 7.98
N TYR A 443 -2.25 4.12 7.45
CA TYR A 443 -1.78 4.85 6.26
C TYR A 443 -1.82 6.37 6.43
N GLY A 444 -1.89 6.86 7.67
CA GLY A 444 -2.03 8.28 7.89
C GLY A 444 -3.40 8.85 7.55
N LEU A 445 -4.37 8.01 7.21
CA LEU A 445 -5.73 8.48 7.00
C LEU A 445 -6.33 8.95 8.32
N ASP A 446 -7.34 9.80 8.22
CA ASP A 446 -7.96 10.44 9.38
C ASP A 446 -9.42 9.99 9.48
N ALA A 447 -9.77 9.32 10.58
CA ALA A 447 -11.14 8.83 10.78
C ALA A 447 -12.15 9.97 10.91
N ASP A 448 -11.70 11.19 11.26
CA ASP A 448 -12.61 12.32 11.26
C ASP A 448 -13.07 12.71 9.86
N HIS A 449 -12.38 12.22 8.82
CA HIS A 449 -12.71 12.57 7.45
C HIS A 449 -12.84 11.36 6.54
N PHE A 450 -12.57 10.15 7.03
CA PHE A 450 -12.55 8.97 6.18
C PHE A 450 -13.93 8.66 5.60
N ARG A 451 -15.01 9.12 6.24
CA ARG A 451 -16.32 8.96 5.62
C ARG A 451 -16.46 9.79 4.35
N ASP A 452 -15.61 10.80 4.15
CA ASP A 452 -15.63 11.54 2.90
C ASP A 452 -15.49 10.63 1.69
N THR A 453 -14.76 9.51 1.81
CA THR A 453 -14.49 8.71 0.63
C THR A 453 -15.23 7.38 0.61
N VAL A 454 -16.29 7.22 1.42
CA VAL A 454 -17.12 6.02 1.29
C VAL A 454 -17.75 6.02 -0.11
N SER A 455 -17.94 4.82 -0.67
CA SER A 455 -18.39 4.69 -2.04
C SER A 455 -19.43 3.59 -2.15
N PHE A 456 -20.52 3.87 -2.87
CA PHE A 456 -21.52 2.89 -3.29
C PHE A 456 -21.59 2.91 -4.82
N ARG A 457 -22.29 1.93 -5.39
CA ARG A 457 -22.41 1.88 -6.84
C ARG A 457 -22.91 3.20 -7.40
N LYS A 458 -23.87 3.85 -6.71
CA LYS A 458 -24.46 5.09 -7.21
C LYS A 458 -23.40 6.13 -7.55
N ASP A 459 -22.30 6.17 -6.80
CA ASP A 459 -21.27 7.17 -7.04
C ASP A 459 -20.08 6.60 -7.81
N ARG A 460 -20.11 5.32 -8.17
CA ARG A 460 -19.08 4.78 -9.05
C ARG A 460 -19.47 4.89 -10.52
N VAL A 461 -20.75 4.72 -10.83
CA VAL A 461 -21.19 4.80 -12.21
C VAL A 461 -22.67 5.18 -12.19
N LYS A 462 -23.06 6.05 -13.12
CA LYS A 462 -24.45 6.48 -13.21
C LYS A 462 -25.15 5.75 -14.36
N ALA B 8 -9.41 2.41 22.96
CA ALA B 8 -8.16 2.61 23.68
C ALA B 8 -8.35 2.37 25.18
N GLU B 9 -9.54 2.68 25.69
CA GLU B 9 -9.84 2.36 27.08
C GLU B 9 -10.29 0.92 27.27
N ILE B 10 -10.96 0.34 26.28
CA ILE B 10 -11.26 -1.10 26.34
C ILE B 10 -9.97 -1.89 26.53
N ARG B 11 -8.97 -1.61 25.69
CA ARG B 11 -7.73 -2.39 25.74
C ARG B 11 -7.00 -2.20 27.06
N GLN B 12 -7.08 -1.01 27.65
CA GLN B 12 -6.46 -0.79 28.95
C GLN B 12 -7.28 -1.45 30.05
N GLN B 13 -8.62 -1.42 29.90
CA GLN B 13 -9.52 -2.12 30.81
C GLN B 13 -9.17 -3.60 30.94
N PHE B 14 -8.68 -4.22 29.86
CA PHE B 14 -8.50 -5.66 29.82
C PHE B 14 -7.04 -6.08 29.82
N ALA B 15 -6.13 -5.15 30.07
CA ALA B 15 -4.73 -5.50 30.16
C ALA B 15 -4.48 -6.46 31.32
N MET B 16 -3.74 -7.54 31.03
CA MET B 16 -3.21 -8.44 32.04
C MET B 16 -1.88 -7.91 32.54
N THR B 17 -1.39 -8.50 33.64
CA THR B 17 -0.02 -8.24 34.06
C THR B 17 0.94 -8.89 33.05
N ALA B 18 2.22 -8.52 33.16
CA ALA B 18 3.22 -9.04 32.25
C ALA B 18 3.32 -10.55 32.38
N GLY B 19 3.78 -11.20 31.30
CA GLY B 19 3.98 -12.66 31.30
C GLY B 19 3.18 -13.33 30.20
N SER B 20 3.84 -14.23 29.47
CA SER B 20 3.22 -14.88 28.33
C SER B 20 1.99 -15.65 28.78
N PRO B 21 0.82 -15.41 28.18
CA PRO B 21 -0.38 -16.16 28.55
C PRO B 21 -0.45 -17.56 27.97
N ILE B 22 0.50 -17.96 27.13
CA ILE B 22 0.47 -19.30 26.53
C ILE B 22 1.04 -20.30 27.51
N ILE B 23 0.21 -21.27 27.91
CA ILE B 23 0.62 -22.30 28.87
C ILE B 23 1.31 -23.44 28.11
N VAL B 24 2.52 -23.78 28.54
CA VAL B 24 3.31 -24.82 27.90
C VAL B 24 3.68 -25.88 28.94
N ASN B 25 4.23 -27.00 28.46
CA ASN B 25 4.77 -28.02 29.34
C ASN B 25 6.19 -28.37 28.90
N ASP B 26 6.77 -29.34 29.61
CA ASP B 26 8.14 -29.83 29.41
C ASP B 26 8.39 -30.42 28.03
N LYS B 27 7.35 -30.75 27.27
CA LYS B 27 7.52 -31.45 26.01
C LYS B 27 7.55 -30.53 24.80
N LEU B 28 7.30 -29.23 24.99
CA LEU B 28 7.26 -28.30 23.87
C LEU B 28 8.61 -28.18 23.18
N GLU B 29 8.61 -28.29 21.86
CA GLU B 29 9.80 -28.05 21.06
C GLU B 29 9.44 -27.16 19.89
N ARG B 30 10.46 -26.47 19.38
CA ARG B 30 10.27 -25.64 18.20
C ARG B 30 9.82 -26.51 17.03
N TYR B 31 9.05 -25.89 16.14
CA TYR B 31 8.26 -26.58 15.13
C TYR B 31 8.86 -26.34 13.74
N ALA B 32 9.09 -27.41 13.00
CA ALA B 32 9.66 -27.31 11.65
C ALA B 32 8.59 -26.82 10.69
N GLU B 33 8.87 -25.73 9.98
CA GLU B 33 7.84 -25.12 9.11
C GLU B 33 7.31 -26.09 8.07
N VAL B 34 8.14 -27.04 7.61
CA VAL B 34 7.69 -28.02 6.61
C VAL B 34 6.44 -28.76 7.07
N ARG B 35 6.16 -28.77 8.38
CA ARG B 35 5.06 -29.54 8.92
C ARG B 35 3.69 -28.91 8.66
N THR B 36 3.63 -27.65 8.21
CA THR B 36 2.33 -27.04 7.95
C THR B 36 1.64 -27.81 6.81
N ALA B 37 0.30 -27.80 6.84
CA ALA B 37 -0.43 -28.55 5.82
C ALA B 37 -0.12 -28.03 4.41
N PHE B 38 0.17 -26.72 4.28
CA PHE B 38 0.52 -26.13 2.99
C PHE B 38 1.72 -26.81 2.35
N THR B 39 2.68 -27.28 3.16
CA THR B 39 3.97 -27.73 2.67
C THR B 39 4.24 -29.22 2.86
N HIS B 40 3.61 -29.85 3.85
CA HIS B 40 4.01 -31.20 4.21
C HIS B 40 3.62 -32.19 3.12
N PRO B 41 4.49 -33.16 2.81
CA PRO B 41 4.17 -34.10 1.72
C PRO B 41 2.94 -34.95 1.97
N THR B 42 2.52 -35.14 3.23
CA THR B 42 1.31 -35.92 3.48
C THR B 42 0.05 -35.15 3.16
N SER B 43 0.13 -33.83 3.04
CA SER B 43 -1.05 -33.00 2.83
C SER B 43 -0.96 -32.17 1.57
N PHE B 44 0.18 -32.15 0.90
CA PHE B 44 0.44 -31.23 -0.20
C PHE B 44 -0.38 -31.58 -1.44
N PHE B 45 -0.56 -32.86 -1.72
CA PHE B 45 -1.25 -33.30 -2.94
C PHE B 45 -2.72 -33.58 -2.64
N LYS B 46 -3.60 -33.03 -3.48
CA LYS B 46 -5.06 -33.21 -3.37
C LYS B 46 -5.65 -33.41 -4.75
N PRO B 47 -6.71 -34.20 -4.86
CA PRO B 47 -7.36 -34.35 -6.16
C PRO B 47 -8.15 -33.10 -6.55
N ASN B 48 -8.25 -32.88 -7.86
CA ASN B 48 -9.16 -31.87 -8.38
C ASN B 48 -10.54 -32.50 -8.61
N TYR B 49 -11.46 -31.74 -9.23
CA TYR B 49 -12.81 -32.24 -9.41
C TYR B 49 -12.90 -33.34 -10.45
N LYS B 50 -11.90 -33.45 -11.34
CA LYS B 50 -11.82 -34.54 -12.31
C LYS B 50 -11.17 -35.80 -11.73
N GLY B 51 -10.68 -35.75 -10.49
CA GLY B 51 -9.99 -36.88 -9.92
C GLY B 51 -8.49 -36.91 -10.14
N GLU B 52 -7.90 -35.87 -10.72
CA GLU B 52 -6.47 -35.82 -10.96
C GLU B 52 -5.75 -35.28 -9.73
N VAL B 53 -4.72 -35.99 -9.28
CA VAL B 53 -4.00 -35.59 -8.07
C VAL B 53 -2.89 -34.61 -8.44
N LYS B 54 -2.89 -33.44 -7.79
CA LYS B 54 -1.98 -32.36 -8.10
C LYS B 54 -1.57 -31.65 -6.82
N PRO B 55 -0.54 -30.79 -6.86
CA PRO B 55 -0.37 -29.83 -5.76
C PRO B 55 -1.69 -29.14 -5.45
N TRP B 56 -1.97 -28.98 -4.16
CA TRP B 56 -3.31 -28.55 -3.73
C TRP B 56 -3.75 -27.24 -4.41
N PHE B 57 -2.82 -26.29 -4.59
CA PHE B 57 -3.23 -25.01 -5.18
C PHE B 57 -3.51 -25.15 -6.67
N LEU B 58 -2.86 -26.11 -7.34
CA LEU B 58 -3.20 -26.38 -8.73
C LEU B 58 -4.57 -27.05 -8.86
N SER B 59 -4.92 -27.98 -7.96
CA SER B 59 -6.27 -28.52 -7.99
C SER B 59 -7.31 -27.43 -7.71
N ALA B 60 -6.97 -26.47 -6.84
CA ALA B 60 -7.89 -25.37 -6.55
C ALA B 60 -8.03 -24.44 -7.75
N TYR B 61 -6.93 -24.19 -8.46
CA TYR B 61 -7.02 -23.47 -9.73
C TYR B 61 -8.04 -24.10 -10.67
N ASP B 62 -8.00 -25.43 -10.84
CA ASP B 62 -8.91 -26.09 -11.75
C ASP B 62 -10.36 -25.83 -11.38
N GLU B 63 -10.66 -25.80 -10.08
CA GLU B 63 -12.02 -25.50 -9.63
C GLU B 63 -12.40 -24.05 -9.90
N LYS B 64 -11.44 -23.12 -9.76
CA LYS B 64 -11.71 -21.72 -10.10
C LYS B 64 -12.08 -21.59 -11.56
N VAL B 65 -11.29 -22.24 -12.44
CA VAL B 65 -11.60 -22.26 -13.86
C VAL B 65 -12.99 -22.81 -14.10
N ARG B 66 -13.30 -23.97 -13.50
CA ARG B 66 -14.59 -24.62 -13.71
C ARG B 66 -15.74 -23.73 -13.26
N GLN B 67 -15.56 -23.01 -12.16
CA GLN B 67 -16.61 -22.11 -11.66
C GLN B 67 -16.84 -20.93 -12.60
N ILE B 68 -15.76 -20.31 -13.07
CA ILE B 68 -15.90 -19.22 -14.04
C ILE B 68 -16.69 -19.70 -15.25
N GLU B 69 -16.27 -20.83 -15.83
CA GLU B 69 -16.96 -21.40 -16.99
C GLU B 69 -18.43 -21.63 -16.70
N ASN B 70 -18.75 -22.04 -15.48
CA ASN B 70 -20.13 -22.34 -15.10
C ASN B 70 -20.81 -21.15 -14.42
N GLY B 71 -20.21 -19.96 -14.47
CA GLY B 71 -20.84 -18.79 -13.91
C GLY B 71 -21.13 -18.88 -12.43
N GLU B 72 -20.14 -19.30 -11.66
CA GLU B 72 -20.28 -19.47 -10.22
C GLU B 72 -19.20 -18.67 -9.49
N ASN B 73 -19.56 -18.18 -8.31
CA ASN B 73 -18.66 -17.45 -7.42
C ASN B 73 -18.06 -18.34 -6.34
N GLY B 74 -18.50 -19.60 -6.26
CA GLY B 74 -18.05 -20.51 -5.23
C GLY B 74 -18.74 -21.85 -5.41
N PRO B 75 -18.52 -22.80 -4.50
CA PRO B 75 -19.10 -24.13 -4.66
C PRO B 75 -20.61 -24.06 -4.55
N LYS B 76 -21.31 -24.51 -5.60
CA LYS B 76 -22.76 -24.53 -5.64
C LYS B 76 -23.36 -23.13 -5.49
N MET B 77 -22.60 -22.10 -5.87
CA MET B 77 -23.06 -20.71 -5.69
C MET B 77 -23.02 -19.99 -7.02
N LYS B 78 -24.18 -19.87 -7.66
CA LYS B 78 -24.27 -19.22 -8.96
C LYS B 78 -23.95 -17.73 -8.86
N ALA B 79 -23.17 -17.25 -9.81
CA ALA B 79 -22.94 -15.82 -9.92
C ALA B 79 -24.08 -15.18 -10.69
N LYS B 80 -24.09 -13.86 -10.72
CA LYS B 80 -25.08 -13.17 -11.55
C LYS B 80 -24.93 -13.59 -13.02
N ASN B 81 -23.70 -13.79 -13.47
CA ASN B 81 -23.37 -14.20 -14.83
C ASN B 81 -21.90 -14.61 -14.81
N VAL B 82 -21.39 -15.04 -15.97
CA VAL B 82 -19.99 -15.41 -16.08
C VAL B 82 -19.09 -14.21 -15.84
N GLY B 83 -19.52 -13.03 -16.31
CA GLY B 83 -18.71 -11.83 -16.10
C GLY B 83 -18.42 -11.57 -14.64
N GLU B 84 -19.44 -11.70 -13.79
CA GLU B 84 -19.22 -11.51 -12.36
C GLU B 84 -18.28 -12.57 -11.78
N ALA B 85 -18.47 -13.83 -12.18
CA ALA B 85 -17.58 -14.90 -11.70
C ALA B 85 -16.13 -14.58 -12.02
N ARG B 86 -15.86 -14.22 -13.28
CA ARG B 86 -14.54 -13.79 -13.73
C ARG B 86 -13.99 -12.63 -12.90
N ALA B 87 -14.85 -11.64 -12.60
CA ALA B 87 -14.37 -10.45 -11.89
C ALA B 87 -13.90 -10.80 -10.48
N GLY B 88 -14.61 -11.69 -9.78
CA GLY B 88 -14.16 -12.06 -8.44
C GLY B 88 -12.80 -12.74 -8.45
N ARG B 89 -12.56 -13.59 -9.45
CA ARG B 89 -11.28 -14.28 -9.53
C ARG B 89 -10.17 -13.36 -10.01
N ALA B 90 -10.49 -12.42 -10.91
CA ALA B 90 -9.52 -11.41 -11.30
C ALA B 90 -9.10 -10.56 -10.10
N LEU B 91 -10.06 -10.17 -9.25
CA LEU B 91 -9.74 -9.38 -8.07
C LEU B 91 -8.88 -10.18 -7.12
N GLU B 92 -9.26 -11.43 -6.85
CA GLU B 92 -8.47 -12.30 -5.99
C GLU B 92 -7.03 -12.45 -6.50
N ALA B 93 -6.88 -12.79 -7.78
CA ALA B 93 -5.53 -13.01 -8.31
C ALA B 93 -4.68 -11.74 -8.22
N ALA B 94 -5.28 -10.59 -8.54
CA ALA B 94 -4.56 -9.32 -8.48
C ALA B 94 -4.14 -8.97 -7.06
N GLY B 95 -4.93 -9.35 -6.05
CA GLY B 95 -4.59 -8.97 -4.69
C GLY B 95 -3.22 -9.47 -4.25
N TRP B 96 -2.79 -10.62 -4.80
CA TRP B 96 -1.54 -11.30 -4.46
C TRP B 96 -0.29 -10.68 -5.12
N THR B 97 -0.40 -9.51 -5.75
CA THR B 97 0.66 -8.99 -6.60
C THR B 97 1.99 -8.88 -5.86
N LEU B 98 1.97 -8.46 -4.58
CA LEU B 98 3.20 -8.26 -3.83
C LEU B 98 3.50 -9.42 -2.88
N ASP B 99 3.17 -10.65 -3.26
CA ASP B 99 3.35 -11.81 -2.40
C ASP B 99 3.90 -12.97 -3.22
N ILE B 100 4.90 -13.66 -2.67
CA ILE B 100 5.59 -14.76 -3.35
C ILE B 100 4.99 -16.09 -2.89
N ASN B 101 4.44 -16.85 -3.84
CA ASN B 101 4.04 -18.25 -3.65
C ASN B 101 3.19 -18.43 -2.39
N TYR B 102 2.20 -17.55 -2.24
CA TYR B 102 1.17 -17.64 -1.19
C TYR B 102 1.78 -17.55 0.21
N GLY B 103 2.32 -16.37 0.52
CA GLY B 103 2.70 -16.11 1.90
C GLY B 103 4.06 -15.53 2.19
N ASN B 104 4.93 -15.38 1.19
CA ASN B 104 6.26 -14.81 1.41
C ASN B 104 7.05 -15.57 2.47
N ILE B 105 6.94 -16.90 2.50
CA ILE B 105 7.52 -17.62 3.64
C ILE B 105 9.04 -17.79 3.53
N TYR B 106 9.62 -17.82 2.32
CA TYR B 106 11.07 -18.02 2.24
C TYR B 106 11.81 -16.86 2.89
N PRO B 107 12.58 -17.08 3.95
CA PRO B 107 13.28 -15.96 4.57
C PRO B 107 14.46 -15.51 3.72
N ASN B 108 14.71 -14.20 3.73
CA ASN B 108 15.86 -13.60 3.05
C ASN B 108 15.83 -13.88 1.55
N ARG B 109 14.63 -13.92 0.96
CA ARG B 109 14.44 -14.06 -0.48
C ARG B 109 13.39 -13.05 -0.92
N PHE B 110 13.55 -12.57 -2.16
CA PHE B 110 12.57 -11.70 -2.83
C PHE B 110 12.25 -10.47 -1.99
N PHE B 111 11.03 -10.34 -1.46
CA PHE B 111 10.67 -9.19 -0.63
C PHE B 111 11.17 -9.31 0.82
N MET B 112 11.52 -10.50 1.27
CA MET B 112 11.77 -10.75 2.69
C MET B 112 13.25 -10.69 3.04
N LEU B 113 14.00 -9.72 2.49
CA LEU B 113 15.44 -9.67 2.73
C LEU B 113 15.77 -9.28 4.17
N TRP B 114 16.76 -9.98 4.73
CA TRP B 114 17.17 -9.76 6.11
C TRP B 114 18.13 -8.58 6.26
N SER B 115 18.61 -8.03 5.15
CA SER B 115 19.42 -6.82 5.14
C SER B 115 18.86 -5.88 4.09
N GLY B 116 18.89 -4.59 4.38
CA GLY B 116 18.48 -3.61 3.38
C GLY B 116 19.53 -3.27 2.33
N GLU B 117 20.75 -3.80 2.46
CA GLU B 117 21.90 -3.24 1.75
C GLU B 117 21.71 -3.23 0.23
N THR B 118 21.07 -4.26 -0.33
CA THR B 118 20.92 -4.34 -1.78
C THR B 118 19.61 -3.76 -2.30
N MET B 119 18.71 -3.29 -1.44
CA MET B 119 17.43 -2.76 -1.92
C MET B 119 17.64 -1.47 -2.71
N THR B 120 16.81 -1.27 -3.74
CA THR B 120 16.94 -0.05 -4.56
C THR B 120 16.78 1.20 -3.71
N ASN B 121 15.88 1.17 -2.73
CA ASN B 121 15.68 2.33 -1.86
C ASN B 121 16.93 2.63 -1.05
N THR B 122 17.54 1.60 -0.45
CA THR B 122 18.77 1.80 0.32
C THR B 122 19.89 2.36 -0.53
N GLN B 123 20.08 1.80 -1.74
CA GLN B 123 21.10 2.31 -2.64
C GLN B 123 20.89 3.79 -2.96
N LEU B 124 19.65 4.18 -3.27
CA LEU B 124 19.35 5.56 -3.63
C LEU B 124 19.67 6.51 -2.49
N TRP B 125 19.41 6.08 -1.26
CA TRP B 125 19.62 6.88 -0.06
C TRP B 125 21.01 6.71 0.52
N ALA B 126 21.86 5.89 -0.08
CA ALA B 126 23.19 5.63 0.45
C ALA B 126 23.98 6.89 0.82
N PRO B 127 24.02 7.96 0.00
CA PRO B 127 24.81 9.13 0.42
C PRO B 127 24.43 9.69 1.79
N VAL B 128 23.19 9.50 2.24
CA VAL B 128 22.82 10.02 3.56
C VAL B 128 23.36 9.14 4.68
N GLY B 129 23.56 7.85 4.42
CA GLY B 129 24.15 6.96 5.41
C GLY B 129 23.31 6.68 6.64
N LEU B 130 21.97 6.71 6.53
CA LEU B 130 21.13 6.47 7.70
C LEU B 130 21.28 5.04 8.22
N ASP B 131 21.53 4.09 7.32
CA ASP B 131 21.63 2.71 7.73
C ASP B 131 23.01 2.37 8.27
N ARG B 132 23.98 3.27 8.06
CA ARG B 132 25.34 3.13 8.56
C ARG B 132 25.57 3.87 9.86
N ARG B 133 24.74 4.87 10.14
CA ARG B 133 24.94 5.76 11.27
C ARG B 133 24.47 5.06 12.54
N PRO B 134 25.25 5.08 13.61
CA PRO B 134 24.81 4.50 14.89
C PRO B 134 23.50 5.13 15.33
N PRO B 135 22.72 4.44 16.17
CA PRO B 135 21.44 5.02 16.62
C PRO B 135 21.66 6.31 17.39
N ASP B 136 20.83 7.31 17.09
CA ASP B 136 20.82 8.52 17.89
C ASP B 136 19.86 8.44 19.07
N THR B 137 19.04 7.38 19.11
CA THR B 137 18.06 7.18 20.17
C THR B 137 18.17 5.74 20.64
N THR B 138 18.39 5.56 21.94
CA THR B 138 18.38 4.23 22.55
C THR B 138 17.31 4.08 23.61
N ASP B 139 16.61 5.15 23.94
CA ASP B 139 15.55 5.10 24.94
C ASP B 139 14.40 4.24 24.43
N PRO B 140 14.07 3.12 25.07
CA PRO B 140 13.02 2.25 24.54
C PRO B 140 11.65 2.89 24.50
N VAL B 141 11.39 3.85 25.40
CA VAL B 141 10.11 4.55 25.40
C VAL B 141 9.94 5.35 24.11
N GLU B 142 10.94 6.17 23.78
CA GLU B 142 10.83 6.99 22.58
C GLU B 142 10.84 6.13 21.32
N LEU B 143 11.66 5.07 21.31
CA LEU B 143 11.70 4.18 20.16
C LEU B 143 10.36 3.49 19.94
N THR B 144 9.70 3.08 21.03
CA THR B 144 8.40 2.45 20.91
C THR B 144 7.39 3.42 20.31
N ASN B 145 7.45 4.71 20.69
CA ASN B 145 6.53 5.67 20.11
C ASN B 145 6.84 5.90 18.63
N TYR B 146 8.12 6.02 18.28
CA TYR B 146 8.50 6.25 16.88
C TYR B 146 8.09 5.07 16.01
N VAL B 147 8.40 3.84 16.45
CA VAL B 147 8.21 2.72 15.55
C VAL B 147 6.73 2.39 15.40
N LYS B 148 5.92 2.62 16.44
CA LYS B 148 4.49 2.41 16.28
C LYS B 148 3.87 3.45 15.35
N PHE B 149 4.26 4.72 15.47
CA PHE B 149 3.82 5.71 14.50
C PHE B 149 4.18 5.27 13.09
N ALA B 150 5.43 4.84 12.89
CA ALA B 150 5.87 4.34 11.58
C ALA B 150 5.03 3.15 11.15
N ALA B 151 4.69 2.26 12.09
CA ALA B 151 3.90 1.08 11.77
C ALA B 151 2.53 1.46 11.24
N ARG B 152 1.92 2.52 11.79
CA ARG B 152 0.61 2.93 11.31
C ARG B 152 0.72 3.56 9.92
N MET B 153 1.75 4.39 9.70
CA MET B 153 2.02 4.88 8.35
C MET B 153 2.19 3.72 7.38
N ALA B 154 2.80 2.63 7.83
CA ALA B 154 3.11 1.47 7.00
C ALA B 154 1.91 0.55 6.78
N GLY B 155 0.73 0.87 7.30
CA GLY B 155 -0.47 0.12 6.95
C GLY B 155 -1.01 -0.81 8.00
N ALA B 156 -0.41 -0.87 9.20
CA ALA B 156 -0.97 -1.67 10.27
C ALA B 156 -2.19 -0.96 10.86
N ASP B 157 -3.26 -1.71 11.10
CA ASP B 157 -4.38 -1.19 11.86
C ASP B 157 -4.20 -1.44 13.34
N LEU B 158 -3.43 -2.46 13.70
CA LEU B 158 -3.04 -2.74 15.07
C LEU B 158 -1.55 -2.98 15.12
N VAL B 159 -0.91 -2.61 16.23
CA VAL B 159 0.52 -2.89 16.40
C VAL B 159 0.82 -3.09 17.88
N GLY B 160 1.63 -4.11 18.16
CA GLY B 160 2.08 -4.38 19.51
C GLY B 160 3.49 -4.92 19.51
N VAL B 161 4.11 -4.85 20.69
CA VAL B 161 5.49 -5.29 20.87
C VAL B 161 5.53 -6.38 21.95
N ALA B 162 6.38 -7.37 21.73
CA ALA B 162 6.65 -8.41 22.73
C ALA B 162 8.12 -8.78 22.68
N ARG B 163 8.63 -9.27 23.80
CA ARG B 163 9.91 -9.96 23.76
C ARG B 163 9.79 -11.18 22.87
N LEU B 164 10.85 -11.49 22.15
CA LEU B 164 10.83 -12.61 21.22
C LEU B 164 10.88 -13.92 22.01
N ASN B 165 9.78 -14.67 21.97
CA ASN B 165 9.76 -16.03 22.51
C ASN B 165 10.21 -16.98 21.41
N ARG B 166 11.40 -17.56 21.58
CA ARG B 166 11.95 -18.43 20.56
C ARG B 166 11.16 -19.73 20.39
N ASN B 167 10.26 -20.04 21.33
CA ASN B 167 9.45 -21.24 21.19
C ASN B 167 8.60 -21.19 19.92
N TRP B 168 8.25 -20.00 19.46
CA TRP B 168 7.36 -19.86 18.32
C TRP B 168 8.12 -19.61 17.01
N VAL B 169 9.45 -19.52 17.07
CA VAL B 169 10.26 -19.42 15.87
C VAL B 169 10.45 -20.82 15.29
N TYR B 170 10.15 -20.99 14.01
CA TYR B 170 10.30 -22.31 13.38
C TYR B 170 11.71 -22.85 13.62
N SER B 171 11.80 -24.15 13.92
CA SER B 171 13.10 -24.78 14.06
C SER B 171 13.87 -24.74 12.74
N GLU B 172 13.15 -24.92 11.64
CA GLU B 172 13.71 -24.90 10.31
C GLU B 172 12.70 -24.22 9.39
N ALA B 173 13.19 -23.39 8.49
CA ALA B 173 12.34 -22.68 7.53
C ALA B 173 12.19 -23.49 6.26
N VAL B 174 11.12 -23.21 5.51
CA VAL B 174 11.02 -23.63 4.12
C VAL B 174 11.54 -22.48 3.26
N THR B 175 12.51 -22.78 2.38
CA THR B 175 13.12 -21.73 1.58
C THR B 175 13.56 -22.31 0.24
N ILE B 176 14.32 -21.54 -0.52
CA ILE B 176 14.89 -22.02 -1.79
C ILE B 176 16.35 -21.60 -1.83
N PRO B 177 17.18 -22.31 -2.60
CA PRO B 177 18.57 -21.86 -2.75
C PRO B 177 18.61 -20.45 -3.32
N ALA B 178 19.63 -19.70 -2.89
CA ALA B 178 19.65 -18.26 -3.13
C ALA B 178 19.72 -17.92 -4.62
N ASP B 179 20.33 -18.78 -5.43
CA ASP B 179 20.50 -18.48 -6.85
C ASP B 179 19.43 -19.11 -7.72
N VAL B 180 18.43 -19.76 -7.14
CA VAL B 180 17.40 -20.41 -7.94
C VAL B 180 16.41 -19.35 -8.42
N PRO B 181 16.08 -19.33 -9.71
CA PRO B 181 15.18 -18.29 -10.22
C PRO B 181 13.74 -18.55 -9.80
N TYR B 182 12.92 -17.49 -9.85
CA TYR B 182 11.54 -17.62 -9.39
C TYR B 182 10.83 -18.77 -10.09
N GLU B 183 11.05 -18.91 -11.41
CA GLU B 183 10.33 -19.92 -12.18
C GLU B 183 10.62 -21.34 -11.71
N GLN B 184 11.73 -21.58 -11.01
CA GLN B 184 12.01 -22.90 -10.48
C GLN B 184 11.73 -23.04 -8.98
N SER B 185 11.20 -21.99 -8.35
CA SER B 185 11.14 -21.93 -6.89
C SER B 185 10.23 -23.03 -6.31
N LEU B 186 9.00 -23.15 -6.81
CA LEU B 186 8.08 -24.14 -6.24
C LEU B 186 8.64 -25.55 -6.30
N HIS B 187 9.47 -25.85 -7.28
CA HIS B 187 10.04 -27.19 -7.45
C HIS B 187 11.35 -27.39 -6.70
N LYS B 188 11.91 -26.35 -6.09
CA LYS B 188 13.22 -26.50 -5.45
C LYS B 188 13.19 -25.98 -4.02
N GLU B 189 12.07 -26.16 -3.33
CA GLU B 189 11.97 -25.76 -1.93
C GLU B 189 12.79 -26.71 -1.07
N ILE B 190 13.46 -26.15 -0.07
CA ILE B 190 14.34 -26.89 0.81
C ILE B 190 14.04 -26.46 2.24
N GLU B 191 14.57 -27.23 3.20
CA GLU B 191 14.52 -26.91 4.61
C GLU B 191 15.86 -26.35 5.06
N LYS B 192 15.81 -25.36 5.95
CA LYS B 192 17.02 -24.72 6.41
C LYS B 192 16.86 -24.30 7.87
N PRO B 193 17.79 -24.69 8.73
CA PRO B 193 17.66 -24.35 10.16
C PRO B 193 17.74 -22.85 10.42
N ILE B 194 16.97 -22.41 11.40
CA ILE B 194 17.01 -21.06 11.94
C ILE B 194 17.65 -21.16 13.32
N VAL B 195 18.81 -20.54 13.50
CA VAL B 195 19.56 -20.64 14.74
C VAL B 195 19.88 -19.25 15.26
N PHE B 196 20.18 -19.19 16.56
CA PHE B 196 20.50 -17.95 17.24
C PHE B 196 21.95 -18.02 17.69
N LYS B 197 22.76 -17.07 17.25
CA LYS B 197 24.18 -17.08 17.60
C LYS B 197 24.61 -15.68 17.99
N ASP B 198 25.80 -15.59 18.59
CA ASP B 198 26.41 -14.30 18.93
C ASP B 198 27.08 -13.76 17.69
N VAL B 199 26.30 -13.06 16.88
CA VAL B 199 26.78 -12.39 15.67
C VAL B 199 26.25 -10.97 15.69
N PRO B 200 26.88 -10.05 14.95
CA PRO B 200 26.41 -8.65 14.99
C PRO B 200 25.09 -8.45 14.27
N LEU B 201 24.92 -9.04 13.09
CA LEU B 201 23.78 -8.79 12.23
C LEU B 201 23.13 -10.10 11.81
N PRO B 202 21.84 -10.08 11.49
CA PRO B 202 21.23 -11.26 10.85
C PRO B 202 21.99 -11.61 9.59
N ILE B 203 22.29 -12.90 9.42
CA ILE B 203 23.13 -13.32 8.31
C ILE B 203 22.67 -14.71 7.89
N GLU B 204 22.80 -15.02 6.61
CA GLU B 204 22.50 -16.33 6.09
C GLU B 204 23.78 -16.97 5.54
N THR B 205 24.07 -18.19 5.98
CA THR B 205 25.16 -18.97 5.41
C THR B 205 24.59 -20.02 4.47
N ASP B 206 25.48 -20.80 3.85
CA ASP B 206 25.00 -21.92 3.06
C ASP B 206 24.15 -22.87 3.89
N ASP B 207 24.47 -22.98 5.18
CA ASP B 207 23.85 -23.99 6.03
C ASP B 207 22.78 -23.44 6.96
N GLU B 208 22.80 -22.15 7.32
CA GLU B 208 21.93 -21.71 8.39
C GLU B 208 21.42 -20.30 8.14
N LEU B 209 20.19 -20.06 8.62
CA LEU B 209 19.66 -18.71 8.84
C LEU B 209 19.98 -18.33 10.29
N ILE B 210 20.82 -17.31 10.47
CA ILE B 210 21.33 -16.97 11.79
C ILE B 210 20.69 -15.68 12.25
N ILE B 211 19.91 -15.78 13.32
CA ILE B 211 19.34 -14.61 14.00
C ILE B 211 20.28 -14.25 15.15
N PRO B 212 20.64 -12.97 15.32
CA PRO B 212 21.53 -12.61 16.43
C PRO B 212 20.88 -12.82 17.78
N ASN B 213 21.70 -13.20 18.76
CA ASN B 213 21.20 -13.29 20.12
C ASN B 213 20.70 -11.95 20.64
N THR B 214 21.18 -10.84 20.09
CA THR B 214 20.67 -9.52 20.45
C THR B 214 19.27 -9.26 19.94
N CYS B 215 18.68 -10.15 19.15
CA CYS B 215 17.36 -9.90 18.56
C CYS B 215 16.28 -10.08 19.62
N GLU B 216 16.02 -9.02 20.37
CA GLU B 216 15.26 -9.12 21.62
C GLU B 216 13.76 -9.12 21.41
N ASN B 217 13.27 -8.43 20.39
CA ASN B 217 11.88 -8.04 20.31
C ASN B 217 11.24 -8.46 19.00
N VAL B 218 9.91 -8.61 19.04
CA VAL B 218 9.12 -8.78 17.84
C VAL B 218 8.04 -7.72 17.84
N ILE B 219 7.84 -7.08 16.68
CA ILE B 219 6.76 -6.12 16.46
C ILE B 219 5.72 -6.84 15.62
N VAL B 220 4.48 -6.89 16.11
CA VAL B 220 3.39 -7.62 15.45
C VAL B 220 2.37 -6.62 14.94
N ALA B 221 1.97 -6.79 13.69
CA ALA B 221 1.00 -5.91 13.05
C ALA B 221 -0.28 -6.68 12.73
N GLY B 222 -1.41 -6.01 12.95
CA GLY B 222 -2.71 -6.49 12.51
C GLY B 222 -3.16 -5.69 11.31
N ILE B 223 -3.54 -6.39 10.26
CA ILE B 223 -3.93 -5.79 8.99
C ILE B 223 -5.36 -6.21 8.71
N ALA B 224 -6.29 -5.27 8.84
CA ALA B 224 -7.71 -5.62 8.88
C ALA B 224 -8.25 -5.99 7.50
N MET B 225 -9.00 -7.09 7.45
CA MET B 225 -9.74 -7.50 6.26
C MET B 225 -11.10 -6.82 6.19
N ASN B 226 -11.75 -6.94 5.04
CA ASN B 226 -13.04 -6.31 4.81
C ASN B 226 -14.17 -7.23 5.26
N ARG B 227 -15.06 -6.72 6.11
CA ARG B 227 -16.05 -7.60 6.71
C ARG B 227 -17.07 -8.11 5.70
N GLU B 228 -17.57 -7.23 4.81
CA GLU B 228 -18.57 -7.66 3.83
C GLU B 228 -18.00 -8.70 2.88
N MET B 229 -16.73 -8.53 2.48
CA MET B 229 -16.12 -9.51 1.59
C MET B 229 -15.86 -10.84 2.30
N MET B 230 -15.37 -10.79 3.53
CA MET B 230 -15.16 -12.05 4.23
C MET B 230 -16.49 -12.75 4.53
N GLN B 231 -17.58 -11.99 4.66
CA GLN B 231 -18.86 -12.63 4.89
C GLN B 231 -19.33 -13.48 3.70
N THR B 232 -18.72 -13.32 2.51
CA THR B 232 -19.05 -14.18 1.38
C THR B 232 -18.33 -15.52 1.43
N ALA B 233 -17.55 -15.80 2.48
CA ALA B 233 -16.84 -17.08 2.55
C ALA B 233 -17.85 -18.23 2.44
N PRO B 234 -17.49 -19.30 1.73
CA PRO B 234 -16.18 -19.64 1.15
C PRO B 234 -15.99 -19.18 -0.30
N ASN B 235 -16.68 -18.12 -0.71
CA ASN B 235 -16.73 -17.75 -2.11
C ASN B 235 -15.59 -16.77 -2.44
N SER B 236 -15.58 -16.29 -3.68
CA SER B 236 -14.38 -15.65 -4.22
C SER B 236 -14.06 -14.32 -3.55
N MET B 237 -15.05 -13.58 -3.08
CA MET B 237 -14.72 -12.25 -2.56
C MET B 237 -14.04 -12.32 -1.20
N ALA B 238 -14.26 -13.39 -0.43
CA ALA B 238 -13.42 -13.61 0.75
C ALA B 238 -12.00 -13.95 0.36
N CYS B 239 -11.81 -14.67 -0.75
CA CYS B 239 -10.45 -14.87 -1.28
C CYS B 239 -9.79 -13.53 -1.60
N ALA B 240 -10.57 -12.59 -2.13
CA ALA B 240 -9.99 -11.33 -2.59
C ALA B 240 -9.49 -10.48 -1.43
N THR B 241 -10.26 -10.39 -0.33
CA THR B 241 -9.77 -9.55 0.77
C THR B 241 -8.60 -10.23 1.47
N THR B 242 -8.61 -11.56 1.58
CA THR B 242 -7.43 -12.31 2.00
C THR B 242 -6.21 -11.89 1.18
N ALA B 243 -6.33 -11.96 -0.15
CA ALA B 243 -5.17 -11.75 -1.03
C ALA B 243 -4.63 -10.33 -0.91
N PHE B 244 -5.51 -9.33 -1.02
CA PHE B 244 -5.05 -7.95 -0.94
C PHE B 244 -4.31 -7.68 0.38
N CYS B 245 -4.78 -8.28 1.47
CA CYS B 245 -4.08 -8.04 2.73
C CYS B 245 -2.72 -8.71 2.81
N TYR B 246 -2.49 -9.80 2.05
CA TYR B 246 -1.14 -10.36 2.01
C TYR B 246 -0.17 -9.38 1.35
N SER B 247 -0.63 -8.64 0.36
CA SER B 247 0.25 -7.64 -0.22
C SER B 247 0.41 -6.45 0.71
N ARG B 248 -0.63 -6.08 1.46
CA ARG B 248 -0.46 -5.07 2.50
C ARG B 248 0.55 -5.54 3.54
N MET B 249 0.51 -6.83 3.89
CA MET B 249 1.49 -7.37 4.84
C MET B 249 2.91 -7.17 4.34
N CYS B 250 3.14 -7.46 3.06
CA CYS B 250 4.49 -7.36 2.52
C CYS B 250 4.98 -5.93 2.50
N MET B 251 4.10 -4.99 2.15
CA MET B 251 4.53 -3.61 2.16
C MET B 251 4.81 -3.14 3.57
N PHE B 252 3.99 -3.57 4.53
CA PHE B 252 4.26 -3.23 5.93
C PHE B 252 5.66 -3.68 6.35
N ASP B 253 5.98 -4.95 6.09
CA ASP B 253 7.28 -5.50 6.50
C ASP B 253 8.43 -4.68 5.91
N MET B 254 8.35 -4.35 4.63
CA MET B 254 9.47 -3.67 3.97
C MET B 254 9.60 -2.23 4.45
N TRP B 255 8.48 -1.50 4.50
CA TRP B 255 8.48 -0.15 5.05
C TRP B 255 9.08 -0.13 6.46
N LEU B 256 8.57 -0.99 7.35
CA LEU B 256 8.97 -0.92 8.75
C LEU B 256 10.42 -1.37 8.92
N CYS B 257 10.84 -2.41 8.20
CA CYS B 257 12.25 -2.80 8.30
C CYS B 257 13.14 -1.66 7.86
N GLN B 258 12.80 -1.00 6.74
CA GLN B 258 13.61 0.12 6.29
C GLN B 258 13.65 1.23 7.33
N PHE B 259 12.51 1.52 7.98
CA PHE B 259 12.51 2.53 9.04
C PHE B 259 13.45 2.15 10.18
N ILE B 260 13.35 0.90 10.65
CA ILE B 260 14.18 0.43 11.76
C ILE B 260 15.66 0.48 11.39
N ARG B 261 16.00 0.09 10.14
CA ARG B 261 17.40 0.13 9.72
C ARG B 261 17.91 1.55 9.62
N TYR B 262 17.10 2.45 9.07
CA TYR B 262 17.50 3.84 8.95
C TYR B 262 17.57 4.54 10.31
N MET B 263 17.06 3.90 11.36
CA MET B 263 17.21 4.35 12.73
C MET B 263 18.45 3.79 13.42
N GLY B 264 19.21 2.93 12.76
CA GLY B 264 20.44 2.41 13.30
C GLY B 264 20.37 1.01 13.86
N TYR B 265 19.27 0.30 13.64
CA TYR B 265 19.09 -1.07 14.13
C TYR B 265 18.93 -2.02 12.94
N TYR B 266 18.84 -3.31 13.21
CA TYR B 266 18.55 -4.27 12.15
C TYR B 266 17.12 -4.75 12.29
N ALA B 267 16.58 -5.32 11.21
CA ALA B 267 15.19 -5.74 11.21
C ALA B 267 15.01 -6.92 10.26
N ILE B 268 14.28 -7.93 10.72
CA ILE B 268 14.00 -9.13 9.94
C ILE B 268 12.52 -9.13 9.60
N PRO B 269 12.15 -9.08 8.32
CA PRO B 269 10.73 -9.21 7.94
C PRO B 269 10.31 -10.67 8.02
N SER B 270 9.01 -10.93 7.85
CA SER B 270 8.63 -12.35 7.83
C SER B 270 7.32 -12.72 7.11
N CYS B 271 6.30 -11.85 7.16
CA CYS B 271 4.97 -12.23 6.68
C CYS B 271 4.56 -13.61 7.24
N ASN B 272 4.30 -14.61 6.38
CA ASN B 272 3.89 -15.91 6.92
C ASN B 272 5.05 -16.82 7.31
N GLY B 273 6.31 -16.39 7.13
CA GLY B 273 7.44 -17.22 7.46
C GLY B 273 8.01 -16.95 8.85
N VAL B 274 9.13 -17.62 9.13
CA VAL B 274 10.02 -17.41 10.28
C VAL B 274 9.43 -17.95 11.60
N GLY B 275 8.14 -17.71 11.85
CA GLY B 275 7.54 -18.19 13.07
C GLY B 275 6.03 -18.03 13.08
N GLN B 276 5.42 -18.46 14.18
CA GLN B 276 3.97 -18.59 14.27
C GLN B 276 3.35 -17.27 14.71
N SER B 277 2.62 -16.63 13.79
CA SER B 277 2.12 -15.27 14.01
C SER B 277 1.12 -15.20 15.17
N VAL B 278 0.27 -16.23 15.31
CA VAL B 278 -0.77 -16.16 16.34
C VAL B 278 -0.15 -16.08 17.73
N ALA B 279 0.88 -16.88 17.99
CA ALA B 279 1.55 -16.83 19.29
C ALA B 279 2.14 -15.44 19.56
N PHE B 280 2.89 -14.91 18.59
CA PHE B 280 3.49 -13.58 18.74
C PHE B 280 2.42 -12.55 19.00
N ALA B 281 1.29 -12.63 18.28
CA ALA B 281 0.24 -11.63 18.41
C ALA B 281 -0.39 -11.67 19.79
N VAL B 282 -0.52 -12.87 20.37
CA VAL B 282 -1.10 -12.97 21.70
C VAL B 282 -0.12 -12.42 22.74
N GLU B 283 1.17 -12.72 22.58
CA GLU B 283 2.14 -12.23 23.54
C GLU B 283 2.34 -10.73 23.43
N ALA B 284 2.08 -10.15 22.24
CA ALA B 284 2.15 -8.71 22.04
C ALA B 284 0.84 -7.99 22.35
N GLY B 285 -0.18 -8.71 22.80
CA GLY B 285 -1.40 -8.07 23.29
C GLY B 285 -2.40 -7.66 22.22
N LEU B 286 -2.26 -8.13 20.98
CA LEU B 286 -3.25 -7.78 19.97
C LEU B 286 -4.59 -8.45 20.25
N GLY B 287 -4.57 -9.65 20.84
CA GLY B 287 -5.79 -10.39 21.04
C GLY B 287 -5.51 -11.67 21.81
N GLN B 288 -6.49 -12.57 21.79
CA GLN B 288 -6.41 -13.85 22.47
C GLN B 288 -6.59 -14.99 21.48
N ALA B 289 -5.96 -16.13 21.79
CA ALA B 289 -6.18 -17.35 21.04
C ALA B 289 -7.64 -17.80 21.15
N SER B 290 -8.08 -18.58 20.16
CA SER B 290 -9.49 -18.89 19.99
C SER B 290 -9.66 -20.37 19.62
N ARG B 291 -10.92 -20.82 19.60
CA ARG B 291 -11.21 -22.21 19.25
C ARG B 291 -10.75 -22.54 17.84
N MET B 292 -11.04 -21.66 16.87
CA MET B 292 -10.63 -21.93 15.50
C MET B 292 -9.12 -21.92 15.36
N GLY B 293 -8.41 -21.28 16.30
CA GLY B 293 -6.96 -21.21 16.27
C GLY B 293 -6.40 -19.84 15.98
N ALA B 294 -7.24 -18.89 15.60
CA ALA B 294 -6.80 -17.56 15.24
C ALA B 294 -6.63 -16.69 16.48
N CYS B 295 -5.88 -15.60 16.31
CA CYS B 295 -5.88 -14.52 17.30
C CYS B 295 -7.12 -13.65 17.08
N ILE B 296 -8.00 -13.62 18.06
CA ILE B 296 -9.21 -12.80 18.03
C ILE B 296 -8.90 -11.48 18.74
N THR B 297 -9.14 -10.36 18.05
CA THR B 297 -8.86 -9.02 18.51
C THR B 297 -10.16 -8.32 18.89
N PRO B 298 -10.12 -7.37 19.83
CA PRO B 298 -11.36 -6.62 20.13
C PRO B 298 -11.90 -5.84 18.94
N GLU B 299 -11.02 -5.23 18.13
CA GLU B 299 -11.47 -4.36 17.04
C GLU B 299 -12.05 -5.16 15.88
N PHE B 300 -11.45 -6.30 15.54
CA PHE B 300 -11.80 -6.98 14.30
C PHE B 300 -12.22 -8.44 14.51
N GLY B 301 -12.25 -8.91 15.76
CA GLY B 301 -12.35 -10.34 15.98
C GLY B 301 -11.19 -11.01 15.28
N PRO B 302 -11.42 -12.17 14.66
CA PRO B 302 -10.36 -12.84 13.88
C PRO B 302 -10.24 -12.35 12.43
N ASN B 303 -11.05 -11.40 12.01
CA ASN B 303 -11.05 -10.96 10.61
C ASN B 303 -9.92 -9.96 10.37
N VAL B 304 -8.69 -10.40 10.69
CA VAL B 304 -7.52 -9.54 10.62
C VAL B 304 -6.31 -10.43 10.33
N ARG B 305 -5.48 -10.00 9.38
CA ARG B 305 -4.27 -10.75 9.09
C ARG B 305 -3.12 -10.26 9.96
N LEU B 306 -2.09 -11.08 10.08
CA LEU B 306 -0.97 -10.76 10.97
C LEU B 306 0.34 -10.81 10.20
N THR B 307 1.25 -9.91 10.55
CA THR B 307 2.64 -10.03 10.12
C THR B 307 3.51 -9.55 11.26
N LYS B 308 4.83 -9.74 11.14
CA LYS B 308 5.66 -9.40 12.27
C LYS B 308 7.10 -9.14 11.80
N VAL B 309 7.82 -8.32 12.57
CA VAL B 309 9.19 -7.93 12.28
C VAL B 309 10.03 -8.12 13.55
N PHE B 310 11.22 -8.69 13.40
CA PHE B 310 12.11 -8.98 14.52
C PHE B 310 13.27 -7.98 14.52
N THR B 311 13.64 -7.49 15.70
CA THR B 311 14.65 -6.44 15.77
C THR B 311 15.33 -6.40 17.14
N ASN B 312 16.54 -5.86 17.15
CA ASN B 312 17.26 -5.52 18.36
C ASN B 312 16.94 -4.11 18.88
N MET B 313 16.12 -3.35 18.17
CA MET B 313 15.71 -2.03 18.63
C MET B 313 15.12 -2.10 20.04
N PRO B 314 15.66 -1.36 21.00
CA PRO B 314 15.07 -1.34 22.35
C PRO B 314 13.63 -0.86 22.32
N LEU B 315 12.75 -1.60 22.98
CA LEU B 315 11.33 -1.31 22.91
C LEU B 315 10.68 -1.68 24.24
N VAL B 316 9.52 -1.11 24.50
CA VAL B 316 8.72 -1.42 25.68
C VAL B 316 7.71 -2.49 25.29
N PRO B 317 7.77 -3.70 25.84
CA PRO B 317 6.77 -4.71 25.52
C PRO B 317 5.38 -4.28 25.97
N ASP B 318 4.38 -4.65 25.18
CA ASP B 318 3.00 -4.38 25.55
C ASP B 318 2.48 -5.45 26.50
N LYS B 319 1.34 -5.16 27.14
CA LYS B 319 0.79 -6.21 28.00
C LYS B 319 -0.15 -7.11 27.19
N PRO B 320 -0.19 -8.41 27.51
CA PRO B 320 -1.24 -9.25 26.96
C PRO B 320 -2.62 -8.81 27.46
N ILE B 321 -3.65 -9.16 26.71
CA ILE B 321 -5.01 -8.72 27.05
C ILE B 321 -5.88 -9.94 27.29
N ASP B 322 -6.85 -9.77 28.18
CA ASP B 322 -7.86 -10.77 28.46
C ASP B 322 -9.22 -10.07 28.47
N PHE B 323 -9.98 -10.22 27.38
CA PHE B 323 -11.35 -9.72 27.33
C PHE B 323 -12.35 -10.87 27.22
N GLY B 324 -11.98 -12.05 27.73
CA GLY B 324 -12.90 -13.16 27.88
C GLY B 324 -13.04 -14.10 26.72
N VAL B 325 -12.10 -14.07 25.76
CA VAL B 325 -12.24 -14.92 24.58
C VAL B 325 -12.26 -16.39 24.97
N THR B 326 -11.37 -16.80 25.87
CA THR B 326 -11.24 -18.21 26.20
C THR B 326 -12.55 -18.77 26.75
N GLU B 327 -13.16 -18.05 27.69
CA GLU B 327 -14.43 -18.47 28.28
C GLU B 327 -15.58 -18.40 27.27
N PHE B 328 -15.54 -17.45 26.35
CA PHE B 328 -16.58 -17.42 25.32
C PHE B 328 -16.43 -18.62 24.38
N CYS B 329 -15.19 -18.92 23.96
CA CYS B 329 -14.98 -20.02 23.03
C CYS B 329 -15.33 -21.38 23.66
N GLU B 330 -15.25 -21.50 24.99
CA GLU B 330 -15.61 -22.77 25.64
C GLU B 330 -17.03 -23.21 25.30
N THR B 331 -17.96 -22.27 25.33
CA THR B 331 -19.37 -22.59 25.18
C THR B 331 -19.90 -22.35 23.78
N CYS B 332 -19.18 -21.59 22.95
CA CYS B 332 -19.71 -21.13 21.66
C CYS B 332 -19.77 -22.23 20.61
N LYS B 333 -18.61 -22.67 20.12
CA LYS B 333 -18.46 -23.74 19.13
C LYS B 333 -19.15 -23.46 17.79
N LYS B 334 -19.46 -22.20 17.45
CA LYS B 334 -20.13 -21.94 16.18
C LYS B 334 -19.22 -22.21 14.99
N CYS B 335 -17.95 -21.83 15.09
CA CYS B 335 -17.01 -22.13 14.00
C CYS B 335 -16.92 -23.64 13.76
N ALA B 336 -16.83 -24.42 14.84
CA ALA B 336 -16.72 -25.86 14.70
C ALA B 336 -17.97 -26.47 14.05
N ARG B 337 -19.14 -25.90 14.31
CA ARG B 337 -20.34 -26.50 13.73
C ARG B 337 -20.56 -26.06 12.30
N GLU B 338 -20.04 -24.89 11.90
CA GLU B 338 -20.18 -24.39 10.53
C GLU B 338 -19.04 -24.81 9.61
N CYS B 339 -17.92 -25.24 10.17
CA CYS B 339 -16.75 -25.57 9.37
C CYS B 339 -17.09 -26.64 8.34
N PRO B 340 -16.92 -26.38 7.04
CA PRO B 340 -17.37 -27.36 6.02
C PRO B 340 -16.60 -28.67 6.04
N SER B 341 -15.43 -28.72 6.69
CA SER B 341 -14.60 -29.91 6.69
C SER B 341 -14.51 -30.59 8.05
N LYS B 342 -15.24 -30.09 9.05
CA LYS B 342 -15.16 -30.61 10.41
C LYS B 342 -13.73 -30.58 10.94
N ALA B 343 -12.99 -29.53 10.59
CA ALA B 343 -11.59 -29.42 11.00
C ALA B 343 -11.44 -28.94 12.45
N ILE B 344 -12.41 -28.20 12.97
CA ILE B 344 -12.30 -27.53 14.26
C ILE B 344 -12.92 -28.39 15.33
N THR B 345 -12.21 -28.61 16.43
CA THR B 345 -12.70 -29.46 17.50
C THR B 345 -13.80 -28.77 18.31
N GLU B 346 -14.73 -29.58 18.80
CA GLU B 346 -15.71 -29.15 19.79
C GLU B 346 -15.28 -29.47 21.21
N GLY B 347 -14.14 -30.15 21.37
CA GLY B 347 -13.70 -30.59 22.67
C GLY B 347 -12.88 -29.55 23.41
N PRO B 348 -12.30 -29.95 24.52
CA PRO B 348 -11.54 -29.01 25.35
C PRO B 348 -10.09 -28.86 24.87
N ARG B 349 -9.42 -27.87 25.44
CA ARG B 349 -8.03 -27.61 25.08
C ARG B 349 -7.11 -28.67 25.67
N THR B 350 -6.10 -29.08 24.90
CA THR B 350 -5.10 -30.02 25.39
C THR B 350 -3.71 -29.57 24.95
N PHE B 351 -2.70 -30.26 25.47
CA PHE B 351 -1.30 -30.08 25.09
C PHE B 351 -0.85 -31.07 24.01
N GLU B 352 -1.77 -31.90 23.48
CA GLU B 352 -1.40 -32.92 22.51
C GLU B 352 -2.01 -32.58 21.16
N GLY B 353 -1.15 -32.37 20.17
CA GLY B 353 -1.63 -32.07 18.83
C GLY B 353 -2.37 -33.25 18.23
N ARG B 354 -3.29 -32.93 17.31
CA ARG B 354 -4.05 -33.99 16.66
C ARG B 354 -3.30 -34.67 15.53
N SER B 355 -2.28 -34.02 14.98
CA SER B 355 -1.48 -34.61 13.91
C SER B 355 -0.19 -33.82 13.80
N ILE B 356 0.59 -34.16 12.76
CA ILE B 356 1.90 -33.54 12.55
C ILE B 356 1.79 -32.03 12.35
N HIS B 357 0.62 -31.53 11.92
CA HIS B 357 0.51 -30.11 11.63
C HIS B 357 0.43 -29.23 12.88
N ASN B 358 0.15 -29.82 14.04
CA ASN B 358 0.08 -29.08 15.30
C ASN B 358 1.41 -29.15 16.03
N GLN B 359 1.74 -28.08 16.74
CA GLN B 359 2.86 -28.08 17.67
C GLN B 359 2.34 -28.52 19.04
N SER B 360 2.72 -29.74 19.46
CA SER B 360 2.33 -30.21 20.79
C SER B 360 3.12 -29.49 21.86
N GLY B 361 2.59 -29.49 23.08
CA GLY B 361 3.26 -28.89 24.20
C GLY B 361 2.71 -27.56 24.65
N LYS B 362 1.68 -27.05 23.99
CA LYS B 362 1.08 -25.77 24.36
C LYS B 362 -0.42 -25.96 24.44
N LEU B 363 -1.02 -25.35 25.45
CA LEU B 363 -2.46 -25.53 25.67
C LEU B 363 -3.23 -24.74 24.63
N GLN B 364 -4.01 -25.45 23.81
CA GLN B 364 -4.79 -24.82 22.75
C GLN B 364 -5.90 -25.76 22.32
N TRP B 365 -6.83 -25.22 21.55
CA TRP B 365 -7.76 -26.10 20.85
C TRP B 365 -7.03 -26.74 19.67
N GLN B 366 -7.00 -28.06 19.63
CA GLN B 366 -6.25 -28.81 18.62
C GLN B 366 -7.15 -29.09 17.43
N ASN B 367 -6.80 -28.54 16.27
CA ASN B 367 -7.62 -28.70 15.08
C ASN B 367 -6.89 -29.52 14.02
N ASP B 368 -7.68 -30.17 13.16
CA ASP B 368 -7.13 -31.00 12.08
C ASP B 368 -6.97 -30.11 10.84
N TYR B 369 -5.76 -29.62 10.63
CA TYR B 369 -5.54 -28.66 9.57
C TYR B 369 -5.41 -29.30 8.19
N ASN B 370 -5.25 -30.62 8.10
CA ASN B 370 -5.33 -31.28 6.80
C ASN B 370 -6.78 -31.33 6.30
N LYS B 371 -7.74 -31.54 7.22
CA LYS B 371 -9.15 -31.45 6.82
C LYS B 371 -9.49 -30.06 6.29
N CYS B 372 -8.96 -29.01 6.92
CA CYS B 372 -9.20 -27.66 6.43
C CYS B 372 -8.64 -27.50 5.03
N LEU B 373 -7.34 -27.76 4.85
CA LEU B 373 -6.74 -27.57 3.54
C LEU B 373 -7.48 -28.37 2.48
N GLY B 374 -7.96 -29.56 2.83
CA GLY B 374 -8.69 -30.38 1.87
C GLY B 374 -9.93 -29.72 1.31
N TYR B 375 -10.52 -28.78 2.04
CA TYR B 375 -11.71 -28.11 1.53
C TYR B 375 -11.36 -27.00 0.52
N TRP B 376 -10.10 -26.56 0.46
CA TRP B 376 -9.77 -25.46 -0.44
C TRP B 376 -9.83 -25.87 -1.91
N PRO B 377 -9.24 -26.98 -2.36
CA PRO B 377 -9.45 -27.39 -3.76
C PRO B 377 -10.90 -27.70 -4.06
N GLU B 378 -11.64 -28.24 -3.09
N GLU B 378 -11.62 -28.25 -3.09
CA GLU B 378 -13.03 -28.57 -3.35
CA GLU B 378 -13.02 -28.57 -3.31
C GLU B 378 -13.87 -27.31 -3.57
C GLU B 378 -13.85 -27.31 -3.58
N SER B 379 -13.61 -26.26 -2.79
CA SER B 379 -14.36 -25.02 -2.90
C SER B 379 -13.72 -24.00 -3.82
N GLY B 380 -12.47 -24.22 -4.23
CA GLY B 380 -11.80 -23.29 -5.13
C GLY B 380 -11.43 -21.96 -4.49
N GLY B 381 -11.24 -21.92 -3.18
CA GLY B 381 -10.90 -20.69 -2.50
C GLY B 381 -10.05 -20.91 -1.25
N TYR B 382 -10.06 -19.95 -0.31
CA TYR B 382 -9.37 -20.08 0.97
C TYR B 382 -10.35 -20.17 2.13
N CYS B 383 -11.56 -20.67 1.86
CA CYS B 383 -12.65 -20.77 2.83
C CYS B 383 -12.81 -19.50 3.66
N GLY B 384 -12.51 -19.57 4.95
CA GLY B 384 -12.74 -18.45 5.83
C GLY B 384 -14.08 -18.46 6.55
N VAL B 385 -14.84 -19.55 6.41
CA VAL B 385 -16.17 -19.63 7.04
C VAL B 385 -16.06 -19.42 8.54
N CYS B 386 -15.03 -20.01 9.16
CA CYS B 386 -14.86 -19.88 10.61
C CYS B 386 -14.71 -18.42 11.01
N VAL B 387 -13.89 -17.67 10.28
CA VAL B 387 -13.75 -16.23 10.53
C VAL B 387 -15.08 -15.53 10.28
N ALA B 388 -15.79 -15.91 9.23
CA ALA B 388 -17.01 -15.21 8.86
C ALA B 388 -18.10 -15.36 9.93
N VAL B 389 -18.22 -16.55 10.54
CA VAL B 389 -19.31 -16.81 11.46
C VAL B 389 -18.98 -16.47 12.91
N CYS B 390 -17.74 -16.13 13.21
CA CYS B 390 -17.37 -15.86 14.60
C CYS B 390 -18.07 -14.60 15.10
N PRO B 391 -18.76 -14.66 16.25
CA PRO B 391 -19.44 -13.45 16.76
C PRO B 391 -18.50 -12.28 16.97
N PHE B 392 -17.23 -12.53 17.26
CA PHE B 392 -16.28 -11.42 17.43
C PHE B 392 -16.02 -10.67 16.13
N THR B 393 -16.27 -11.31 14.98
CA THR B 393 -16.07 -10.62 13.71
C THR B 393 -17.11 -9.52 13.47
N LYS B 394 -18.31 -9.63 14.02
CA LYS B 394 -19.36 -8.65 13.73
C LYS B 394 -19.18 -7.32 14.45
N ASN B 431 -25.46 -11.16 -1.04
CA ASN B 431 -24.71 -11.96 -1.99
C ASN B 431 -23.54 -11.17 -2.58
N ILE B 432 -22.82 -11.78 -3.50
CA ILE B 432 -21.61 -11.15 -4.01
C ILE B 432 -21.94 -9.96 -4.91
N THR B 433 -23.04 -10.02 -5.68
CA THR B 433 -23.44 -8.84 -6.44
C THR B 433 -23.63 -7.63 -5.54
N GLU B 434 -24.27 -7.83 -4.39
CA GLU B 434 -24.48 -6.72 -3.47
C GLU B 434 -23.18 -6.19 -2.89
N VAL B 435 -22.16 -7.04 -2.76
CA VAL B 435 -20.86 -6.56 -2.29
C VAL B 435 -20.23 -5.66 -3.35
N TRP B 436 -20.17 -6.14 -4.60
CA TRP B 436 -19.65 -5.33 -5.72
C TRP B 436 -20.41 -4.02 -5.90
N ASP B 437 -21.71 -4.01 -5.59
CA ASP B 437 -22.51 -2.82 -5.74
C ASP B 437 -22.60 -1.99 -4.46
N GLY B 438 -21.99 -2.45 -3.37
CA GLY B 438 -22.22 -1.88 -2.06
C GLY B 438 -21.07 -1.03 -1.54
N LYS B 439 -21.04 -0.87 -0.21
CA LYS B 439 -20.10 0.01 0.46
C LYS B 439 -18.65 -0.45 0.27
N ILE B 440 -17.77 0.49 -0.03
CA ILE B 440 -16.33 0.23 -0.01
C ILE B 440 -15.62 1.54 0.29
N ASN B 441 -14.39 1.42 0.78
CA ASN B 441 -13.58 2.58 1.10
C ASN B 441 -12.13 2.14 0.94
N THR B 442 -11.20 3.04 1.27
CA THR B 442 -9.80 2.82 0.91
C THR B 442 -9.23 1.59 1.61
N TYR B 443 -8.57 0.73 0.85
CA TYR B 443 -8.03 -0.55 1.32
C TYR B 443 -9.10 -1.45 1.91
N GLY B 444 -10.38 -1.21 1.60
CA GLY B 444 -11.45 -1.98 2.22
C GLY B 444 -11.70 -1.67 3.67
N LEU B 445 -11.09 -0.62 4.22
CA LEU B 445 -11.40 -0.20 5.58
C LEU B 445 -12.77 0.44 5.62
N ASP B 446 -13.36 0.51 6.82
CA ASP B 446 -14.74 0.94 7.00
C ASP B 446 -14.77 2.15 7.92
N ALA B 447 -15.21 3.29 7.39
CA ALA B 447 -15.27 4.51 8.19
C ALA B 447 -16.22 4.41 9.37
N ASP B 448 -17.14 3.44 9.37
CA ASP B 448 -18.01 3.29 10.52
C ASP B 448 -17.26 2.80 11.76
N HIS B 449 -16.07 2.21 11.57
CA HIS B 449 -15.27 1.70 12.67
C HIS B 449 -13.84 2.20 12.70
N PHE B 450 -13.39 2.96 11.69
CA PHE B 450 -12.00 3.37 11.59
C PHE B 450 -11.55 4.22 12.79
N ARG B 451 -12.48 4.87 13.49
CA ARG B 451 -12.10 5.61 14.70
C ARG B 451 -11.58 4.70 15.81
N ASP B 452 -11.96 3.43 15.81
CA ASP B 452 -11.46 2.55 16.86
C ASP B 452 -9.95 2.32 16.80
N THR B 453 -9.30 2.59 15.67
CA THR B 453 -7.85 2.43 15.61
C THR B 453 -7.11 3.76 15.56
N VAL B 454 -7.76 4.88 15.90
CA VAL B 454 -7.01 6.12 16.08
C VAL B 454 -5.99 5.90 17.20
N SER B 455 -4.85 6.60 17.10
CA SER B 455 -3.77 6.43 18.05
C SER B 455 -3.15 7.77 18.40
N PHE B 456 -2.85 7.93 19.68
CA PHE B 456 -2.07 9.04 20.24
C PHE B 456 -0.94 8.43 21.04
N ARG B 457 0.04 9.25 21.43
CA ARG B 457 1.17 8.73 22.19
C ARG B 457 0.73 7.90 23.40
N LYS B 458 -0.34 8.32 24.08
CA LYS B 458 -0.73 7.67 25.33
C LYS B 458 -1.00 6.18 25.12
N ASP B 459 -1.57 5.82 23.97
CA ASP B 459 -1.85 4.42 23.70
C ASP B 459 -0.73 3.72 22.93
N ARG B 460 0.31 4.46 22.52
CA ARG B 460 1.47 3.83 21.90
C ARG B 460 2.50 3.37 22.93
N VAL B 461 2.66 4.08 24.04
CA VAL B 461 3.60 3.65 25.06
C VAL B 461 3.22 4.21 26.43
#